data_7G6Q
#
_entry.id   7G6Q
#
_cell.length_a   84.041
_cell.length_b   91.659
_cell.length_c   119.803
_cell.angle_alpha   90.000
_cell.angle_beta   90.000
_cell.angle_gamma   90.000
#
_symmetry.space_group_name_H-M   'P 21 21 21'
#
loop_
_entity.id
_entity.type
_entity.pdbx_description
1 polymer 'Isoform 2 of Ectonucleotide pyrophosphatase/phosphodiesterase family member 2'
2 branched alpha-D-mannopyranose-(1-2)-alpha-D-mannopyranose-(1-3)-alpha-D-mannopyranose-(1-6)-[alpha-D-mannopyranose-(1-2)-alpha-D-mannopyranose-(1-3)]beta-D-mannopyranose-(1-4)-2-acetamido-2-deoxy-beta-D-glucopyranose-(1-4)-2-acetamido-2-deoxy-beta-D-glucopyranose
3 non-polymer 'CALCIUM ION'
4 non-polymer (4M)-4-(1-benzyl-1H-pyrrolo[2,3-b]pyridin-3-yl)-3-nitro-N-phenylbenzamide
5 non-polymer 'ACETATE ION'
6 non-polymer 'CHLORIDE ION'
7 non-polymer 'ZINC ION'
8 non-polymer 'SODIUM ION'
9 water water
#
_entity_poly.entity_id   1
_entity_poly.type   'polypeptide(L)'
_entity_poly.pdbx_seq_one_letter_code
;FTASRIKRAEWDEGPPTVLSDSPWTATSGSCKGRCFELQEVGPPDCRCDNLCKSYSSCCHDFDELCLKTARGWECTKDRC
GEVRNEENACHCSEDCLSRGDCCTNYQVVCKGESHWVDDDCEEIKVPECPAGFVRPPLIIFSVDGFRASYMKKGSKVMPN
IEKLRSCGTHAPYMRPVYPTKTFPNLYTLATGLYPESHGIVGNSMYDPVFDASFHLRGREKFNHRWWGGQPLWITATKQG
VRAGTFFWSVSIPHERRILTILQWLSLPDNERPSVYAFYSEQPDFSGHKYGPFGPEMTNPLREIDKTVGQLMDGLKQLRL
HRCVNVIFVGDHGMEDVTCDRTEFLSNYLTNVDDITLVPGTLGRIRAKSINNSKYDPKTIIAALTCKKPDQHFKPYMKQH
LPKRLHYANNRRIEDIHLLVDRRWHVARKPLDVYKKPSGKCFFQGDHGFDNKVNSMQTVFVGYGPTFKYRTKVPPFENIE
LYNVMCDLLGLKPAPNNGTHGSLNHLLRTNTFRPTMPDEVSRPNYPGIMYLQSEFDLGCTCDDKVEPKNKLEELNKRLHT
KGSTKERHLLYGRPAVLYRTSYDILYHTDFESGYSEIFLMPLWTSYTISKQAEVSSIPEHLTNCVRPDVRVSPGFSQNCL
AYKNDKQMSYGFLFPPYLSSSPEAKYDAFLVTNMVPMYPAFKRVWAYFQRVLVKKYASERNGVNVISGPIFDYNYDGLRD
TEDEIKQYVEGSSIPVPTHYYSIITSCLDFTQPADKCDGPLSVSSFILPHRPDNDESCNSSEDESKWVEELMKMHTARVR
DIEHLTGLDFYRKTSRSYSEILTLKTYLHTYESEIGGRHHHHHHHH
;
_entity_poly.pdbx_strand_id   A
#
loop_
_chem_comp.id
_chem_comp.type
_chem_comp.name
_chem_comp.formula
ACT non-polymer 'ACETATE ION' 'C2 H3 O2 -1'
BMA D-saccharide, beta linking beta-D-mannopyranose 'C6 H12 O6'
CA non-polymer 'CALCIUM ION' 'Ca 2'
CL non-polymer 'CHLORIDE ION' 'Cl -1'
MAN D-saccharide, alpha linking alpha-D-mannopyranose 'C6 H12 O6'
NA non-polymer 'SODIUM ION' 'Na 1'
NAG D-saccharide, beta linking 2-acetamido-2-deoxy-beta-D-glucopyranose 'C8 H15 N O6'
YBF non-polymer (4M)-4-(1-benzyl-1H-pyrrolo[2,3-b]pyridin-3-yl)-3-nitro-N-phenylbenzamide 'C27 H20 N4 O3'
ZN non-polymer 'ZINC ION' 'Zn 2'
#
# COMPACT_ATOMS: atom_id res chain seq x y z
N TRP A 24 4.69 7.13 39.80
CA TRP A 24 4.42 8.35 40.62
C TRP A 24 4.91 9.64 39.95
N THR A 25 4.01 10.62 39.92
CA THR A 25 4.33 12.00 39.47
C THR A 25 4.09 12.97 40.64
N ALA A 26 5.12 13.74 40.96
CA ALA A 26 5.02 14.83 41.94
C ALA A 26 4.29 15.99 41.28
N THR A 27 2.98 15.81 41.06
CA THR A 27 2.18 16.76 40.23
C THR A 27 1.98 18.16 40.86
N SER A 28 2.77 18.46 41.90
CA SER A 28 2.77 19.79 42.53
C SER A 28 3.90 20.73 42.06
N GLY A 29 4.43 20.50 40.85
CA GLY A 29 5.10 21.56 40.07
C GLY A 29 4.03 22.37 39.32
N SER A 30 4.45 23.24 38.41
CA SER A 30 3.53 24.16 37.73
C SER A 30 3.74 24.37 36.21
N CYS A 31 2.63 24.51 35.47
CA CYS A 31 2.66 24.77 34.03
C CYS A 31 2.77 26.24 33.63
N LYS A 32 2.93 27.12 34.62
CA LYS A 32 3.11 28.55 34.37
C LYS A 32 4.24 28.79 33.34
N GLY A 33 3.90 29.50 32.26
CA GLY A 33 4.77 29.64 31.08
C GLY A 33 5.30 28.36 30.44
N ARG A 34 4.60 27.23 30.55
CA ARG A 34 5.06 25.95 29.99
C ARG A 34 3.99 25.26 29.17
N CYS A 35 2.90 25.95 28.90
CA CYS A 35 1.72 25.29 28.34
C CYS A 35 2.09 24.68 26.97
N PHE A 36 1.80 23.39 26.78
CA PHE A 36 2.13 22.71 25.52
C PHE A 36 3.59 22.87 25.14
N GLU A 37 4.45 22.73 26.14
CA GLU A 37 5.88 22.68 25.94
C GLU A 37 6.22 21.56 24.94
N LEU A 38 7.23 21.82 24.12
CA LEU A 38 7.57 20.90 23.04
C LEU A 38 8.46 19.74 23.45
N GLN A 39 9.37 19.97 24.39
CA GLN A 39 10.20 18.91 24.94
C GLN A 39 9.49 18.43 26.20
N GLU A 40 9.20 17.15 26.25
CA GLU A 40 8.49 16.59 27.37
C GLU A 40 9.48 16.28 28.49
N VAL A 41 9.13 16.61 29.73
CA VAL A 41 10.06 16.46 30.87
C VAL A 41 10.01 15.10 31.60
N GLY A 42 11.15 14.77 32.23
CA GLY A 42 11.40 13.44 32.81
C GLY A 42 10.86 13.28 34.22
N PRO A 43 10.15 12.15 34.47
CA PRO A 43 9.52 11.79 35.77
C PRO A 43 10.47 11.89 36.98
N PRO A 44 9.92 12.07 38.20
CA PRO A 44 8.51 12.38 38.48
C PRO A 44 8.12 13.88 38.44
N ASP A 45 8.92 14.71 37.74
CA ASP A 45 8.50 16.11 37.45
C ASP A 45 7.23 16.10 36.61
N CYS A 46 6.28 16.96 36.94
CA CYS A 46 4.99 16.95 36.24
C CYS A 46 5.08 17.56 34.83
N ARG A 47 4.17 17.14 33.96
CA ARG A 47 4.25 17.48 32.55
C ARG A 47 3.20 18.49 32.16
N CYS A 48 3.52 19.28 31.11
CA CYS A 48 2.59 20.25 30.53
C CYS A 48 2.46 20.07 28.99
N ASP A 49 2.93 18.95 28.46
CA ASP A 49 2.91 18.65 27.01
C ASP A 49 1.51 18.16 26.54
N ASN A 50 1.25 18.16 25.23
CA ASN A 50 -0.08 17.77 24.76
C ASN A 50 -0.47 16.31 25.02
N LEU A 51 0.44 15.49 25.54
CA LEU A 51 0.08 14.15 25.98
C LEU A 51 0.00 13.90 27.51
N CYS A 52 0.30 14.93 28.32
CA CYS A 52 0.32 14.74 29.78
C CYS A 52 -0.98 14.10 30.30
N LYS A 53 -2.12 14.56 29.81
CA LYS A 53 -3.44 14.03 30.19
C LYS A 53 -3.54 12.52 30.06
N SER A 54 -3.08 12.00 28.92
CA SER A 54 -3.13 10.56 28.61
C SER A 54 -2.29 9.69 29.55
N TYR A 55 -1.29 10.30 30.20
CA TYR A 55 -0.40 9.62 31.13
C TYR A 55 -0.72 9.90 32.60
N SER A 56 -1.88 10.53 32.86
CA SER A 56 -2.24 11.06 34.21
C SER A 56 -1.09 11.82 34.88
N SER A 57 -0.45 12.74 34.17
CA SER A 57 0.79 13.30 34.67
C SER A 57 0.92 14.82 34.55
N CYS A 58 -0.16 15.49 34.18
CA CYS A 58 -0.14 16.96 34.06
C CYS A 58 0.05 17.57 35.44
N CYS A 59 0.73 18.72 35.49
CA CYS A 59 0.82 19.50 36.74
C CYS A 59 -0.58 19.89 37.20
N HIS A 60 -0.69 20.21 38.49
CA HIS A 60 -1.96 20.52 39.14
C HIS A 60 -2.77 21.61 38.43
N ASP A 61 -2.07 22.58 37.79
CA ASP A 61 -2.67 23.81 37.21
C ASP A 61 -2.77 23.83 35.67
N PHE A 62 -2.60 22.64 35.09
CA PHE A 62 -2.66 22.48 33.64
C PHE A 62 -4.01 22.92 33.07
N ASP A 63 -5.12 22.43 33.62
CA ASP A 63 -6.45 22.83 33.13
C ASP A 63 -6.60 24.33 33.16
N GLU A 64 -6.24 24.93 34.31
CA GLU A 64 -6.48 26.35 34.56
C GLU A 64 -5.68 27.25 33.59
N LEU A 65 -4.40 26.95 33.48
CA LEU A 65 -3.45 27.73 32.69
C LEU A 65 -3.48 27.39 31.21
N CYS A 66 -3.57 26.09 30.90
CA CYS A 66 -3.39 25.60 29.53
C CYS A 66 -4.67 25.31 28.77
N LEU A 67 -5.73 24.98 29.50
CA LEU A 67 -6.96 24.62 28.84
C LEU A 67 -8.06 25.64 29.10
N LYS A 68 -7.69 26.91 29.07
CA LYS A 68 -8.64 28.02 29.24
C LYS A 68 -9.78 27.91 28.25
N THR A 69 -10.97 28.32 28.68
CA THR A 69 -12.15 28.27 27.80
C THR A 69 -13.04 29.49 27.88
N ALA A 70 -12.76 30.39 28.84
CA ALA A 70 -13.61 31.57 29.07
C ALA A 70 -13.90 32.38 27.81
N ARG A 71 -15.19 32.63 27.61
CA ARG A 71 -15.71 33.44 26.53
C ARG A 71 -15.71 32.70 25.19
N GLY A 72 -15.29 31.44 25.18
CA GLY A 72 -15.32 30.62 23.97
C GLY A 72 -14.22 30.90 22.94
N TRP A 73 -14.54 30.67 21.66
CA TRP A 73 -13.52 30.53 20.63
C TRP A 73 -13.54 31.61 19.57
N GLU A 74 -14.50 32.53 19.66
CA GLU A 74 -14.65 33.52 18.61
C GLU A 74 -14.70 34.95 19.14
N CYS A 75 -14.09 35.89 18.43
CA CYS A 75 -14.30 37.30 18.70
C CYS A 75 -15.73 37.67 18.31
N THR A 76 -16.25 38.67 19.02
CA THR A 76 -17.54 39.31 18.70
C THR A 76 -17.28 40.82 18.66
N LYS A 77 -18.19 41.57 18.03
CA LYS A 77 -18.05 43.03 17.90
C LYS A 77 -17.62 43.73 19.19
N ASP A 78 -18.32 43.43 20.28
CA ASP A 78 -18.06 44.04 21.60
C ASP A 78 -16.72 43.67 22.27
N ARG A 79 -16.04 42.62 21.80
CA ARG A 79 -14.73 42.26 22.34
C ARG A 79 -13.58 42.99 21.64
N CYS A 80 -13.87 43.59 20.49
CA CYS A 80 -12.85 44.24 19.68
C CYS A 80 -12.09 45.30 20.46
N GLY A 81 -10.76 45.24 20.38
CA GLY A 81 -9.89 46.14 21.11
C GLY A 81 -10.03 46.12 22.64
N GLU A 82 -10.63 45.06 23.18
CA GLU A 82 -10.74 44.86 24.63
C GLU A 82 -9.40 45.00 25.36
N VAL A 83 -9.49 45.16 26.68
CA VAL A 83 -8.34 45.06 27.59
C VAL A 83 -8.03 43.59 27.82
N ARG A 84 -6.79 43.21 27.53
CA ARG A 84 -6.35 41.83 27.70
C ARG A 84 -6.71 41.24 29.06
N ASN A 85 -7.50 40.16 29.02
CA ASN A 85 -7.87 39.36 30.15
C ASN A 85 -7.26 37.97 29.95
N GLU A 86 -6.21 37.67 30.71
CA GLU A 86 -5.44 36.42 30.52
C GLU A 86 -6.25 35.14 30.79
N GLU A 87 -7.47 35.29 31.33
CA GLU A 87 -8.38 34.15 31.58
C GLU A 87 -9.08 33.61 30.32
N ASN A 88 -9.22 34.46 29.31
CA ASN A 88 -9.97 34.10 28.11
C ASN A 88 -9.27 33.02 27.29
N ALA A 89 -10.07 32.24 26.59
CA ALA A 89 -9.58 31.14 25.77
C ALA A 89 -8.71 31.70 24.64
N CYS A 90 -9.14 32.79 24.04
CA CYS A 90 -8.32 33.46 23.04
C CYS A 90 -8.65 34.95 23.14
N HIS A 91 -7.97 35.79 22.35
CA HIS A 91 -7.98 37.22 22.65
C HIS A 91 -8.40 38.08 21.48
N CYS A 92 -9.03 39.21 21.79
CA CYS A 92 -9.48 40.17 20.78
C CYS A 92 -8.91 41.55 21.08
N SER A 93 -7.97 41.59 22.02
CA SER A 93 -7.22 42.79 22.41
C SER A 93 -6.29 43.23 21.27
N GLU A 94 -5.77 44.45 21.38
CA GLU A 94 -4.95 45.04 20.32
C GLU A 94 -3.61 44.34 20.19
N ASP A 95 -3.10 43.84 21.30
CA ASP A 95 -1.78 43.26 21.30
C ASP A 95 -1.78 41.78 20.91
N CYS A 96 -2.93 41.23 20.50
CA CYS A 96 -3.01 39.77 20.30
C CYS A 96 -2.17 39.27 19.10
N LEU A 97 -2.14 40.03 18.00
CA LEU A 97 -1.31 39.64 16.85
C LEU A 97 0.16 39.51 17.25
N SER A 98 0.70 40.51 17.96
CA SER A 98 2.09 40.44 18.46
C SER A 98 2.30 39.33 19.50
N ARG A 99 1.27 39.05 20.31
CA ARG A 99 1.30 37.92 21.26
C ARG A 99 1.07 36.54 20.58
N GLY A 100 0.55 36.54 19.35
CA GLY A 100 0.23 35.29 18.64
C GLY A 100 -0.94 34.46 19.20
N ASP A 101 -1.89 35.12 19.87
CA ASP A 101 -2.98 34.42 20.55
C ASP A 101 -4.39 35.01 20.37
N CYS A 102 -4.62 35.70 19.25
CA CYS A 102 -5.98 36.13 18.87
C CYS A 102 -6.85 34.90 18.57
N CYS A 103 -8.15 35.02 18.84
CA CYS A 103 -9.13 34.11 18.24
C CYS A 103 -8.92 34.15 16.72
N THR A 104 -9.17 33.03 16.08
CA THR A 104 -8.83 32.88 14.67
C THR A 104 -9.65 33.84 13.79
N ASN A 105 -10.79 34.33 14.30
CA ASN A 105 -11.64 35.26 13.52
C ASN A 105 -11.47 36.75 13.90
N TYR A 106 -10.43 37.03 14.69
CA TYR A 106 -10.14 38.40 15.14
C TYR A 106 -10.17 39.43 14.05
N GLN A 107 -9.32 39.27 13.04
CA GLN A 107 -9.24 40.18 11.90
C GLN A 107 -10.53 40.31 11.12
N VAL A 108 -11.34 39.24 11.07
CA VAL A 108 -12.59 39.33 10.34
C VAL A 108 -13.60 40.21 11.10
N VAL A 109 -13.81 39.90 12.37
CA VAL A 109 -14.75 40.63 13.22
C VAL A 109 -14.30 42.09 13.45
N CYS A 110 -13.05 42.27 13.83
CA CYS A 110 -12.53 43.52 14.33
C CYS A 110 -11.73 44.34 13.34
N LYS A 111 -11.38 43.80 12.17
CA LYS A 111 -10.57 44.59 11.24
C LYS A 111 -11.13 44.62 9.83
N GLY A 112 -12.38 44.19 9.67
CA GLY A 112 -13.04 44.13 8.36
C GLY A 112 -12.38 43.20 7.35
N GLU A 113 -11.55 42.25 7.81
CA GLU A 113 -10.93 41.27 6.91
C GLU A 113 -11.94 40.23 6.46
N SER A 114 -11.69 39.59 5.31
CA SER A 114 -12.50 38.45 4.88
C SER A 114 -11.99 37.10 5.45
N HIS A 115 -12.89 36.12 5.56
CA HIS A 115 -12.51 34.73 5.87
C HIS A 115 -11.73 34.21 4.68
N TRP A 116 -10.75 33.35 4.95
CA TRP A 116 -9.94 32.72 3.90
C TRP A 116 -10.86 32.04 2.88
N VAL A 117 -11.93 31.37 3.32
CA VAL A 117 -12.78 30.63 2.37
C VAL A 117 -13.50 31.54 1.36
N ASP A 118 -13.73 32.80 1.71
CA ASP A 118 -14.39 33.76 0.80
C ASP A 118 -13.48 34.47 -0.20
N ASP A 119 -12.18 34.25 -0.10
CA ASP A 119 -11.18 34.81 -1.00
C ASP A 119 -11.06 33.89 -2.19
N ASP A 120 -10.96 34.50 -3.36
CA ASP A 120 -10.67 33.81 -4.62
C ASP A 120 -9.36 33.06 -4.46
N CYS A 121 -9.21 31.88 -5.05
CA CYS A 121 -7.86 31.37 -4.92
C CYS A 121 -6.96 31.88 -6.00
N GLU A 122 -5.70 32.02 -5.65
CA GLU A 122 -4.75 32.63 -6.53
C GLU A 122 -3.59 31.69 -6.42
N GLU A 123 -3.05 31.27 -7.55
CA GLU A 123 -1.88 30.45 -7.59
C GLU A 123 -0.77 30.94 -6.63
N ILE A 124 -0.19 30.01 -5.89
CA ILE A 124 0.93 30.34 -5.03
C ILE A 124 2.17 29.87 -5.79
N LYS A 125 2.77 30.79 -6.55
CA LYS A 125 3.93 30.44 -7.38
C LYS A 125 5.20 30.26 -6.57
N VAL A 126 5.38 31.02 -5.51
CA VAL A 126 6.57 30.96 -4.68
C VAL A 126 6.10 31.11 -3.23
N PRO A 127 6.84 30.54 -2.26
CA PRO A 127 6.41 30.76 -0.88
C PRO A 127 6.47 32.23 -0.50
N GLU A 128 5.43 32.71 0.17
CA GLU A 128 5.38 34.11 0.60
C GLU A 128 5.36 34.11 2.11
N CYS A 129 6.56 34.15 2.69
CA CYS A 129 6.75 33.85 4.11
C CYS A 129 7.35 35.07 4.81
N PRO A 130 7.00 35.31 6.10
CA PRO A 130 7.64 36.37 6.92
C PRO A 130 9.15 36.18 7.03
N ALA A 131 9.87 37.27 7.29
CA ALA A 131 11.31 37.19 7.39
C ALA A 131 11.63 36.27 8.54
N GLY A 132 12.68 35.47 8.37
CA GLY A 132 13.09 34.57 9.43
C GLY A 132 12.61 33.14 9.23
N PHE A 133 11.67 32.92 8.32
CA PHE A 133 11.27 31.55 7.98
C PHE A 133 12.29 30.92 7.01
N VAL A 134 13.00 29.86 7.45
CA VAL A 134 14.03 29.19 6.59
C VAL A 134 13.45 28.30 5.47
N ARG A 135 12.21 27.85 5.63
CA ARG A 135 11.55 26.91 4.71
C ARG A 135 10.03 27.04 4.96
N PRO A 136 9.18 26.74 3.97
CA PRO A 136 7.74 26.72 4.27
C PRO A 136 7.38 25.61 5.32
N PRO A 137 6.64 25.96 6.38
CA PRO A 137 6.20 24.93 7.34
C PRO A 137 5.25 23.94 6.66
N LEU A 138 5.24 22.71 7.20
CA LEU A 138 4.27 21.69 6.80
C LEU A 138 3.28 21.44 7.92
N ILE A 139 2.00 21.50 7.58
CA ILE A 139 0.94 21.15 8.55
C ILE A 139 0.13 19.98 8.03
N ILE A 140 0.16 18.89 8.78
CA ILE A 140 -0.62 17.73 8.44
C ILE A 140 -1.97 17.76 9.19
N PHE A 141 -3.08 17.79 8.45
CA PHE A 141 -4.39 17.82 9.06
C PHE A 141 -5.01 16.44 8.79
N SER A 142 -4.94 15.54 9.77
CA SER A 142 -5.43 14.19 9.57
C SER A 142 -6.81 13.97 10.18
N VAL A 143 -7.68 13.33 9.39
CA VAL A 143 -9.03 13.07 9.83
C VAL A 143 -9.33 11.57 9.83
N ASP A 144 -9.76 11.09 10.97
CA ASP A 144 -10.07 9.70 11.15
C ASP A 144 -11.39 9.29 10.42
N GLY A 145 -11.34 8.20 9.68
CA GLY A 145 -12.51 7.65 9.00
C GLY A 145 -13.11 8.49 7.88
N PHE A 146 -12.33 9.39 7.28
CA PHE A 146 -12.80 10.27 6.24
C PHE A 146 -12.80 9.52 4.90
N ARG A 147 -13.88 8.83 4.65
CA ARG A 147 -14.12 8.13 3.40
C ARG A 147 -14.00 9.00 2.15
N ALA A 148 -13.38 8.44 1.11
CA ALA A 148 -13.06 9.20 -0.08
C ALA A 148 -14.27 9.86 -0.72
N SER A 149 -15.41 9.19 -0.72
CA SER A 149 -16.58 9.78 -1.38
C SER A 149 -17.22 10.94 -0.61
N TYR A 150 -16.79 11.17 0.64
CA TYR A 150 -17.23 12.38 1.35
C TYR A 150 -16.92 13.66 0.60
N MET A 151 -15.78 13.70 -0.11
CA MET A 151 -15.39 14.90 -0.85
C MET A 151 -16.48 15.37 -1.82
N LYS A 152 -17.05 14.44 -2.59
CA LYS A 152 -18.13 14.82 -3.50
C LYS A 152 -19.45 14.87 -2.73
N LYS A 153 -19.74 13.83 -1.94
CA LYS A 153 -21.08 13.70 -1.33
C LYS A 153 -21.37 14.70 -0.23
N GLY A 154 -20.31 15.21 0.41
CA GLY A 154 -20.48 16.19 1.47
C GLY A 154 -20.06 17.58 1.07
N SER A 155 -19.82 17.79 -0.22
CA SER A 155 -19.22 19.04 -0.72
C SER A 155 -20.01 20.29 -0.40
N LYS A 156 -21.32 20.16 -0.23
CA LYS A 156 -22.19 21.32 0.10
C LYS A 156 -21.96 21.88 1.49
N VAL A 157 -21.46 21.05 2.39
CA VAL A 157 -21.36 21.47 3.76
C VAL A 157 -19.89 21.59 4.21
N MET A 158 -18.97 21.47 3.25
CA MET A 158 -17.53 21.53 3.54
C MET A 158 -16.81 22.61 2.67
N PRO A 159 -17.22 23.89 2.78
CA PRO A 159 -16.66 24.86 1.83
C PRO A 159 -15.13 25.07 1.94
N ASN A 160 -14.56 25.06 3.15
CA ASN A 160 -13.11 25.27 3.32
C ASN A 160 -12.31 24.10 2.71
N ILE A 161 -12.71 22.88 3.07
CA ILE A 161 -12.10 21.66 2.52
C ILE A 161 -12.21 21.64 0.99
N GLU A 162 -13.37 22.06 0.44
CA GLU A 162 -13.57 22.08 -1.03
C GLU A 162 -12.71 23.09 -1.72
N LYS A 163 -12.45 24.21 -1.03
CA LYS A 163 -11.49 25.19 -1.57
C LYS A 163 -10.06 24.63 -1.55
N LEU A 164 -9.66 24.02 -0.45
CA LEU A 164 -8.34 23.36 -0.43
C LEU A 164 -8.24 22.40 -1.63
N ARG A 165 -9.25 21.55 -1.73
CA ARG A 165 -9.27 20.52 -2.78
C ARG A 165 -9.22 21.07 -4.19
N SER A 166 -10.04 22.06 -4.49
CA SER A 166 -10.13 22.53 -5.88
C SER A 166 -8.97 23.46 -6.21
N CYS A 167 -8.42 24.15 -5.22
CA CYS A 167 -7.31 25.07 -5.52
C CYS A 167 -5.94 24.39 -5.49
N GLY A 168 -5.83 23.32 -4.69
CA GLY A 168 -4.60 22.64 -4.47
C GLY A 168 -4.40 21.48 -5.41
N THR A 169 -3.70 20.48 -4.91
CA THR A 169 -3.49 19.22 -5.60
C THR A 169 -4.32 18.14 -4.90
N HIS A 170 -5.10 17.37 -5.64
CA HIS A 170 -5.90 16.35 -4.95
C HIS A 170 -5.92 15.05 -5.74
N ALA A 171 -6.14 13.94 -5.05
CA ALA A 171 -6.38 12.68 -5.72
C ALA A 171 -7.86 12.36 -5.52
N PRO A 172 -8.47 11.60 -6.46
CA PRO A 172 -9.89 11.14 -6.26
C PRO A 172 -10.00 10.28 -4.98
N TYR A 173 -8.92 9.57 -4.64
CA TYR A 173 -8.81 8.89 -3.37
C TYR A 173 -7.39 8.45 -3.12
N MET A 174 -7.15 8.06 -1.88
CA MET A 174 -5.85 7.55 -1.46
C MET A 174 -6.09 6.16 -0.85
N ARG A 175 -5.28 5.17 -1.23
CA ARG A 175 -5.43 3.79 -0.74
C ARG A 175 -4.75 3.61 0.61
N PRO A 176 -5.51 3.17 1.62
CA PRO A 176 -4.85 2.91 2.94
C PRO A 176 -4.03 1.63 2.89
N VAL A 177 -3.33 1.30 3.98
CA VAL A 177 -2.74 -0.02 4.08
C VAL A 177 -3.71 -1.01 4.77
N TYR A 178 -3.42 -2.28 4.65
CA TYR A 178 -4.19 -3.32 5.35
C TYR A 178 -3.47 -3.64 6.66
N PRO A 179 -4.21 -3.80 7.77
CA PRO A 179 -5.65 -3.64 7.90
C PRO A 179 -6.02 -2.17 7.96
N THR A 180 -7.18 -1.82 7.41
CA THR A 180 -7.56 -0.44 7.28
C THR A 180 -8.15 0.03 8.64
N LYS A 181 -7.30 -0.08 9.68
CA LYS A 181 -7.56 0.42 11.02
C LYS A 181 -6.72 1.71 11.25
N THR A 182 -6.99 2.38 12.37
CA THR A 182 -6.41 3.67 12.69
C THR A 182 -4.91 3.66 12.96
N PHE A 183 -4.49 2.84 13.92
CA PHE A 183 -3.11 2.91 14.38
C PHE A 183 -2.14 2.44 13.27
N PRO A 184 -2.48 1.34 12.56
CA PRO A 184 -1.62 0.92 11.45
C PRO A 184 -1.49 1.98 10.39
N ASN A 185 -2.58 2.67 10.05
CA ASN A 185 -2.53 3.64 8.97
C ASN A 185 -1.86 4.96 9.35
N LEU A 186 -2.15 5.46 10.55
CA LEU A 186 -1.47 6.71 10.98
C LEU A 186 0.02 6.46 11.11
N TYR A 187 0.40 5.32 11.61
CA TYR A 187 1.81 5.07 11.74
C TYR A 187 2.47 4.79 10.37
N THR A 188 1.71 4.23 9.42
CA THR A 188 2.20 4.08 8.02
C THR A 188 2.38 5.49 7.38
N LEU A 189 1.43 6.40 7.64
CA LEU A 189 1.57 7.79 7.15
C LEU A 189 2.90 8.40 7.65
N ALA A 190 3.18 8.16 8.93
CA ALA A 190 4.32 8.78 9.62
C ALA A 190 5.66 8.15 9.22
N THR A 191 5.64 6.92 8.71
CA THR A 191 6.88 6.16 8.49
C THR A 191 7.21 5.77 7.07
N GLY A 192 6.20 5.67 6.20
CA GLY A 192 6.33 5.14 4.87
C GLY A 192 6.46 3.61 4.87
N LEU A 193 6.14 2.94 5.97
CA LEU A 193 6.36 1.47 6.06
C LEU A 193 5.06 0.72 6.12
N TYR A 194 5.03 -0.47 5.51
CA TYR A 194 3.96 -1.45 5.76
C TYR A 194 3.83 -1.79 7.28
N PRO A 195 2.59 -1.98 7.79
CA PRO A 195 2.44 -2.45 9.17
C PRO A 195 3.36 -3.61 9.55
N GLU A 196 3.56 -4.58 8.67
CA GLU A 196 4.45 -5.71 9.00
C GLU A 196 5.86 -5.23 9.32
N SER A 197 6.29 -4.11 8.74
CA SER A 197 7.64 -3.61 9.05
C SER A 197 7.68 -2.60 10.19
N HIS A 198 6.67 -1.73 10.31
CA HIS A 198 6.67 -0.83 11.47
C HIS A 198 6.21 -1.49 12.79
N GLY A 199 5.46 -2.59 12.71
CA GLY A 199 5.13 -3.35 13.91
C GLY A 199 3.76 -3.09 14.48
N ILE A 200 3.09 -2.01 14.03
CA ILE A 200 1.73 -1.78 14.46
C ILE A 200 0.77 -2.48 13.48
N VAL A 201 0.56 -3.78 13.71
CA VAL A 201 -0.08 -4.65 12.72
C VAL A 201 -1.59 -4.74 12.95
N GLY A 202 -2.07 -4.10 14.00
CA GLY A 202 -3.51 -3.94 14.19
C GLY A 202 -3.76 -2.92 15.29
N ASN A 203 -5.04 -2.69 15.60
CA ASN A 203 -5.40 -1.89 16.75
C ASN A 203 -5.20 -2.71 18.05
N SER A 204 -5.14 -4.03 17.91
CA SER A 204 -4.89 -4.95 19.04
C SER A 204 -3.82 -6.04 18.71
N MET A 205 -2.86 -6.30 19.61
CA MET A 205 -1.75 -7.21 19.27
C MET A 205 -1.16 -8.00 20.44
N TYR A 206 -0.65 -9.20 20.14
CA TYR A 206 0.10 -9.98 21.12
C TYR A 206 1.49 -10.19 20.54
N ASP A 207 2.55 -9.87 21.27
CA ASP A 207 3.92 -10.14 20.80
C ASP A 207 4.56 -11.25 21.66
N PRO A 208 4.77 -12.42 21.06
CA PRO A 208 5.25 -13.62 21.76
C PRO A 208 6.67 -13.53 22.32
N VAL A 209 7.56 -12.72 21.71
CA VAL A 209 8.92 -12.50 22.21
C VAL A 209 8.91 -11.66 23.49
N PHE A 210 8.11 -10.59 23.47
CA PHE A 210 7.91 -9.75 24.65
C PHE A 210 7.06 -10.51 25.66
N ASP A 211 6.24 -11.45 25.18
CA ASP A 211 5.07 -11.92 25.91
C ASP A 211 4.29 -10.72 26.45
N ALA A 212 3.99 -9.77 25.59
CA ALA A 212 3.20 -8.61 26.02
C ALA A 212 2.06 -8.34 25.03
N SER A 213 0.98 -7.70 25.51
CA SER A 213 -0.16 -7.33 24.65
C SER A 213 -0.32 -5.81 24.48
N PHE A 214 -0.79 -5.39 23.31
CA PHE A 214 -0.96 -3.97 22.96
C PHE A 214 -2.44 -3.74 22.72
N HIS A 215 -3.02 -2.76 23.40
CA HIS A 215 -4.46 -2.43 23.28
C HIS A 215 -4.65 -0.92 23.12
N LEU A 216 -5.78 -0.53 22.51
CA LEU A 216 -6.12 0.90 22.36
C LEU A 216 -6.27 1.60 23.72
N ARG A 217 -7.08 1.03 24.60
CA ARG A 217 -7.17 1.48 25.99
C ARG A 217 -5.94 0.96 26.74
N GLY A 218 -5.34 1.82 27.56
CA GLY A 218 -4.34 1.35 28.48
C GLY A 218 -2.92 1.78 28.20
N ARG A 219 -2.01 1.18 28.94
CA ARG A 219 -0.68 1.71 29.14
C ARG A 219 0.41 1.11 28.23
N GLU A 220 0.36 -0.20 27.97
CA GLU A 220 1.42 -0.90 27.17
C GLU A 220 1.74 -0.24 25.79
N LYS A 221 0.71 0.33 25.14
CA LYS A 221 0.88 1.05 23.87
C LYS A 221 1.87 2.25 23.94
N PHE A 222 2.10 2.81 25.12
CA PHE A 222 3.06 3.92 25.32
C PHE A 222 4.51 3.44 25.36
N ASN A 223 4.71 2.14 25.50
CA ASN A 223 6.04 1.58 25.49
C ASN A 223 6.58 1.64 24.04
N HIS A 224 7.78 2.22 23.89
CA HIS A 224 8.39 2.48 22.58
C HIS A 224 8.80 1.22 21.79
N ARG A 225 8.87 0.07 22.45
CA ARG A 225 9.31 -1.16 21.79
C ARG A 225 8.29 -1.72 20.79
N TRP A 226 7.04 -1.24 20.84
CA TRP A 226 6.06 -1.60 19.83
C TRP A 226 6.30 -0.88 18.48
N TRP A 227 6.89 0.32 18.55
CA TRP A 227 6.88 1.29 17.45
C TRP A 227 8.20 1.24 16.70
N GLY A 228 8.24 0.55 15.56
CA GLY A 228 9.47 0.40 14.80
C GLY A 228 9.58 1.49 13.76
N GLY A 229 10.58 1.36 12.89
CA GLY A 229 10.81 2.34 11.84
C GLY A 229 11.18 3.72 12.41
N GLN A 230 11.11 4.75 11.58
CA GLN A 230 11.48 6.06 12.03
C GLN A 230 10.44 7.07 11.53
N PRO A 231 9.56 7.52 12.45
CA PRO A 231 8.51 8.43 12.02
C PRO A 231 9.02 9.83 11.70
N LEU A 232 8.22 10.55 10.93
CA LEU A 232 8.61 11.84 10.39
C LEU A 232 9.13 12.81 11.45
N TRP A 233 8.51 12.84 12.62
CA TRP A 233 8.96 13.77 13.67
C TRP A 233 10.40 13.46 14.16
N ILE A 234 10.80 12.19 14.10
CA ILE A 234 12.15 11.77 14.52
C ILE A 234 13.10 12.07 13.36
N THR A 235 12.65 11.77 12.14
CA THR A 235 13.45 12.08 10.95
C THR A 235 13.80 13.57 10.91
N ALA A 236 12.82 14.41 11.17
CA ALA A 236 13.00 15.84 11.21
C ALA A 236 14.03 16.21 12.29
N THR A 237 13.77 15.79 13.53
CA THR A 237 14.59 16.16 14.69
C THR A 237 16.05 15.82 14.43
N LYS A 238 16.30 14.55 14.07
CA LYS A 238 17.66 14.08 13.75
C LYS A 238 18.38 14.91 12.70
N GLN A 239 17.64 15.54 11.80
CA GLN A 239 18.27 16.31 10.75
C GLN A 239 18.18 17.80 11.00
N GLY A 240 17.93 18.21 12.23
CA GLY A 240 17.95 19.62 12.59
C GLY A 240 16.68 20.40 12.26
N VAL A 241 15.60 19.68 11.95
CA VAL A 241 14.31 20.34 11.73
C VAL A 241 13.41 20.10 12.94
N ARG A 242 12.93 21.16 13.55
CA ARG A 242 12.10 21.05 14.74
C ARG A 242 10.64 20.66 14.40
N ALA A 243 10.07 19.82 15.26
CA ALA A 243 8.73 19.29 15.03
C ALA A 243 7.79 19.52 16.21
N GLY A 244 6.57 19.98 15.92
CA GLY A 244 5.46 20.01 16.89
C GLY A 244 5.08 18.57 17.23
N THR A 245 4.57 18.35 18.43
CA THR A 245 4.26 16.96 18.83
C THR A 245 2.97 16.54 18.07
N PHE A 246 2.97 15.33 17.49
CA PHE A 246 1.90 14.90 16.53
C PHE A 246 0.62 14.37 17.19
N PHE A 247 0.75 13.96 18.45
CA PHE A 247 -0.31 13.32 19.20
C PHE A 247 -0.99 14.35 20.10
N TRP A 248 -2.32 14.23 20.25
CA TRP A 248 -3.11 15.10 21.14
C TRP A 248 -3.97 14.25 22.09
N SER A 249 -3.89 14.47 23.40
CA SER A 249 -4.82 13.77 24.33
C SER A 249 -6.28 14.08 23.97
N VAL A 250 -7.16 13.07 24.07
CA VAL A 250 -8.53 13.14 23.47
C VAL A 250 -9.35 14.32 24.02
N SER A 251 -9.09 14.67 25.29
CA SER A 251 -9.90 15.68 25.96
C SER A 251 -9.49 17.12 25.63
N ILE A 252 -8.36 17.29 24.93
CA ILE A 252 -8.00 18.64 24.41
C ILE A 252 -8.89 18.96 23.21
N PRO A 253 -9.73 20.00 23.31
CA PRO A 253 -10.66 20.15 22.19
C PRO A 253 -9.97 20.64 20.92
N HIS A 254 -10.63 20.43 19.79
CA HIS A 254 -10.09 20.84 18.50
C HIS A 254 -9.68 22.28 18.39
N GLU A 255 -10.49 23.19 18.92
CA GLU A 255 -10.19 24.61 18.84
C GLU A 255 -8.85 24.92 19.52
N ARG A 256 -8.55 24.19 20.59
CA ARG A 256 -7.35 24.42 21.38
C ARG A 256 -6.15 23.79 20.68
N ARG A 257 -6.36 22.68 19.98
CA ARG A 257 -5.26 22.10 19.22
C ARG A 257 -4.81 23.11 18.16
N ILE A 258 -5.77 23.70 17.46
CA ILE A 258 -5.48 24.66 16.39
C ILE A 258 -4.77 25.89 16.99
N LEU A 259 -5.26 26.40 18.10
CA LEU A 259 -4.69 27.62 18.69
C LEU A 259 -3.26 27.35 19.14
N THR A 260 -3.01 26.15 19.63
CA THR A 260 -1.70 25.77 20.06
C THR A 260 -0.72 25.77 18.86
N ILE A 261 -1.15 25.16 17.76
CA ILE A 261 -0.37 25.17 16.53
C ILE A 261 -0.10 26.59 16.07
N LEU A 262 -1.10 27.45 16.13
CA LEU A 262 -0.90 28.83 15.66
C LEU A 262 0.04 29.59 16.60
N GLN A 263 0.00 29.27 17.88
CA GLN A 263 0.92 29.86 18.86
C GLN A 263 2.37 29.41 18.62
N TRP A 264 2.55 28.12 18.32
CA TRP A 264 3.89 27.60 18.06
C TRP A 264 4.46 28.27 16.85
N LEU A 265 3.59 28.58 15.90
CA LEU A 265 4.01 29.28 14.68
C LEU A 265 4.45 30.70 14.94
N SER A 266 4.11 31.28 16.10
CA SER A 266 4.59 32.60 16.49
C SER A 266 5.88 32.56 17.33
N LEU A 267 6.42 31.38 17.61
CA LEU A 267 7.67 31.30 18.34
C LEU A 267 8.82 31.98 17.57
N PRO A 268 9.88 32.39 18.30
CA PRO A 268 11.03 32.93 17.58
C PRO A 268 11.68 31.89 16.67
N ASP A 269 12.33 32.39 15.62
CA ASP A 269 12.92 31.57 14.57
C ASP A 269 13.66 30.34 15.08
N ASN A 270 14.49 30.50 16.12
CA ASN A 270 15.25 29.38 16.64
C ASN A 270 14.43 28.35 17.45
N GLU A 271 13.20 28.67 17.85
CA GLU A 271 12.39 27.75 18.67
C GLU A 271 11.15 27.20 17.94
N ARG A 272 10.84 27.74 16.78
CA ARG A 272 9.61 27.44 16.06
C ARG A 272 9.74 26.14 15.26
N PRO A 273 8.83 25.17 15.49
CA PRO A 273 8.88 23.98 14.62
C PRO A 273 8.56 24.28 13.16
N SER A 274 9.04 23.41 12.28
CA SER A 274 8.72 23.48 10.87
C SER A 274 7.67 22.46 10.46
N VAL A 275 7.41 21.46 11.29
CA VAL A 275 6.38 20.46 10.95
C VAL A 275 5.41 20.30 12.12
N TYR A 276 4.12 20.17 11.81
CA TYR A 276 3.04 20.09 12.79
C TYR A 276 2.03 19.07 12.31
N ALA A 277 1.31 18.46 13.26
CA ALA A 277 0.14 17.64 12.88
C ALA A 277 -1.07 17.97 13.76
N PHE A 278 -2.24 18.04 13.14
CA PHE A 278 -3.52 18.09 13.85
C PHE A 278 -4.18 16.75 13.61
N TYR A 279 -4.85 16.21 14.61
CA TYR A 279 -5.62 14.98 14.45
C TYR A 279 -7.05 15.18 14.89
N SER A 280 -7.99 14.73 14.06
CA SER A 280 -9.39 14.69 14.47
C SER A 280 -9.95 13.26 14.55
N GLU A 281 -10.63 12.93 15.65
CA GLU A 281 -11.21 11.61 15.80
C GLU A 281 -12.53 11.46 15.02
N GLN A 282 -13.01 12.57 14.47
CA GLN A 282 -14.18 12.65 13.58
C GLN A 282 -13.69 12.71 12.10
N PRO A 283 -14.50 12.22 11.16
CA PRO A 283 -15.83 11.66 11.35
C PRO A 283 -15.91 10.19 11.82
N ASP A 284 -14.78 9.52 12.02
CA ASP A 284 -14.79 8.09 12.36
C ASP A 284 -15.74 7.76 13.56
N PHE A 285 -15.62 8.57 14.61
CA PHE A 285 -16.32 8.32 15.86
C PHE A 285 -17.83 8.29 15.62
N SER A 286 -18.35 9.28 14.91
CA SER A 286 -19.75 9.24 14.53
C SER A 286 -20.10 8.13 13.54
N GLY A 287 -19.24 7.89 12.55
CA GLY A 287 -19.44 6.81 11.54
C GLY A 287 -19.66 5.44 12.14
N HIS A 288 -18.95 5.12 13.22
CA HIS A 288 -19.18 3.86 13.88
C HIS A 288 -20.63 3.75 14.37
N LYS A 289 -21.18 4.86 14.84
CA LYS A 289 -22.52 4.87 15.46
C LYS A 289 -23.63 4.92 14.43
N TYR A 290 -23.45 5.72 13.37
CA TYR A 290 -24.55 5.99 12.43
C TYR A 290 -24.37 5.48 11.04
N GLY A 291 -23.26 4.80 10.74
CA GLY A 291 -22.97 4.39 9.34
C GLY A 291 -22.29 5.50 8.55
N PRO A 292 -21.57 5.14 7.48
CA PRO A 292 -20.84 6.20 6.78
C PRO A 292 -21.73 7.32 6.27
N PHE A 293 -22.99 7.02 5.90
CA PHE A 293 -23.90 8.08 5.40
C PHE A 293 -25.18 8.34 6.18
N GLY A 294 -25.17 7.98 7.45
CA GLY A 294 -26.27 8.28 8.37
C GLY A 294 -26.53 9.76 8.39
N PRO A 295 -27.83 10.18 8.44
CA PRO A 295 -28.16 11.62 8.47
C PRO A 295 -27.42 12.36 9.58
N GLU A 296 -27.03 11.64 10.64
CA GLU A 296 -26.27 12.26 11.73
C GLU A 296 -24.83 12.64 11.32
N MET A 297 -24.42 12.22 10.12
CA MET A 297 -23.03 12.43 9.66
C MET A 297 -22.77 13.83 9.11
N THR A 298 -23.84 14.58 8.78
CA THR A 298 -23.65 15.90 8.19
C THR A 298 -22.98 16.85 9.19
N ASN A 299 -23.43 16.83 10.43
CA ASN A 299 -22.87 17.70 11.46
C ASN A 299 -21.37 17.51 11.75
N PRO A 300 -20.90 16.26 11.96
CA PRO A 300 -19.46 16.05 12.08
C PRO A 300 -18.66 16.59 10.87
N LEU A 301 -19.19 16.49 9.64
CA LEU A 301 -18.47 17.01 8.49
C LEU A 301 -18.46 18.53 8.47
N ARG A 302 -19.59 19.14 8.86
CA ARG A 302 -19.64 20.58 9.09
C ARG A 302 -18.60 21.01 10.11
N GLU A 303 -18.48 20.28 11.22
CA GLU A 303 -17.60 20.72 12.28
C GLU A 303 -16.12 20.60 11.89
N ILE A 304 -15.73 19.51 11.21
CA ILE A 304 -14.36 19.41 10.66
C ILE A 304 -14.06 20.56 9.71
N ASP A 305 -15.00 20.86 8.81
CA ASP A 305 -14.81 21.97 7.92
C ASP A 305 -14.57 23.30 8.67
N LYS A 306 -15.32 23.52 9.73
CA LYS A 306 -15.17 24.69 10.56
C LYS A 306 -13.76 24.78 11.17
N THR A 307 -13.23 23.65 11.65
CA THR A 307 -11.86 23.56 12.13
C THR A 307 -10.80 23.93 11.08
N VAL A 308 -10.93 23.40 9.87
CA VAL A 308 -10.07 23.78 8.73
C VAL A 308 -10.17 25.31 8.53
N GLY A 309 -11.41 25.81 8.53
CA GLY A 309 -11.68 27.25 8.45
C GLY A 309 -10.91 28.04 9.51
N GLN A 310 -10.92 27.56 10.76
CA GLN A 310 -10.17 28.22 11.85
C GLN A 310 -8.67 28.26 11.59
N LEU A 311 -8.09 27.12 11.18
CA LEU A 311 -6.70 27.08 10.81
C LEU A 311 -6.36 28.04 9.68
N MET A 312 -7.10 28.01 8.58
CA MET A 312 -6.79 28.85 7.46
C MET A 312 -6.98 30.35 7.77
N ASP A 313 -7.98 30.68 8.58
CA ASP A 313 -8.15 32.07 9.01
C ASP A 313 -7.03 32.46 9.95
N GLY A 314 -6.61 31.55 10.81
CA GLY A 314 -5.48 31.83 11.68
C GLY A 314 -4.17 32.00 10.93
N LEU A 315 -3.94 31.15 9.91
CA LEU A 315 -2.76 31.27 9.05
C LEU A 315 -2.80 32.61 8.35
N LYS A 316 -3.93 32.97 7.77
CA LYS A 316 -4.03 34.25 7.07
C LYS A 316 -3.68 35.46 7.98
N GLN A 317 -4.19 35.46 9.21
CA GLN A 317 -3.86 36.49 10.23
C GLN A 317 -2.39 36.63 10.45
N LEU A 318 -1.70 35.48 10.50
CA LEU A 318 -0.27 35.47 10.71
C LEU A 318 0.51 35.70 9.40
N ARG A 319 -0.20 35.97 8.30
CA ARG A 319 0.41 36.06 6.97
C ARG A 319 1.16 34.79 6.57
N LEU A 320 0.59 33.63 6.89
CA LEU A 320 1.23 32.35 6.61
C LEU A 320 0.43 31.50 5.62
N HIS A 321 -0.70 32.04 5.14
CA HIS A 321 -1.64 31.30 4.27
C HIS A 321 -1.12 31.06 2.85
N ARG A 322 -0.08 31.79 2.46
CA ARG A 322 0.59 31.60 1.16
C ARG A 322 2.05 31.18 1.39
N CYS A 323 2.29 30.58 2.55
CA CYS A 323 3.60 30.19 2.97
C CYS A 323 3.63 28.71 3.41
N VAL A 324 2.60 28.25 4.14
CA VAL A 324 2.55 26.90 4.67
C VAL A 324 2.04 25.87 3.63
N ASN A 325 2.62 24.65 3.62
CA ASN A 325 2.01 23.55 2.85
C ASN A 325 1.07 22.80 3.82
N VAL A 326 -0.17 22.60 3.40
CA VAL A 326 -1.16 21.90 4.23
C VAL A 326 -1.45 20.57 3.55
N ILE A 327 -1.43 19.48 4.33
CA ILE A 327 -1.87 18.19 3.85
C ILE A 327 -3.13 17.82 4.62
N PHE A 328 -4.20 17.57 3.87
CA PHE A 328 -5.48 17.12 4.41
C PHE A 328 -5.58 15.65 4.01
N VAL A 329 -5.53 14.78 4.99
CA VAL A 329 -5.35 13.37 4.71
C VAL A 329 -6.17 12.55 5.71
N GLY A 330 -6.81 11.48 5.20
CA GLY A 330 -7.55 10.54 6.03
C GLY A 330 -6.74 9.28 6.34
N ASP A 331 -7.15 8.52 7.34
CA ASP A 331 -6.45 7.27 7.56
C ASP A 331 -7.13 6.03 6.87
N HIS A 332 -8.45 6.06 6.73
CA HIS A 332 -9.23 4.95 6.10
C HIS A 332 -10.62 5.48 5.98
N GLY A 333 -11.47 4.73 5.28
CA GLY A 333 -12.86 5.08 5.11
C GLY A 333 -13.70 4.40 6.18
N MET A 334 -14.94 4.11 5.81
CA MET A 334 -15.94 3.58 6.73
C MET A 334 -17.01 2.87 5.89
N GLU A 335 -17.44 1.70 6.36
CA GLU A 335 -18.43 0.87 5.67
C GLU A 335 -19.64 0.61 6.60
N ASP A 336 -20.78 0.22 5.99
CA ASP A 336 -22.00 -0.18 6.75
C ASP A 336 -21.82 -1.59 7.27
N VAL A 337 -21.92 -1.73 8.59
CA VAL A 337 -21.66 -2.98 9.28
C VAL A 337 -22.62 -2.97 10.48
N THR A 338 -23.41 -4.02 10.62
CA THR A 338 -24.32 -4.20 11.76
C THR A 338 -24.11 -5.56 12.46
N CYS A 339 -24.52 -5.63 13.73
CA CYS A 339 -24.39 -6.85 14.58
C CYS A 339 -24.98 -8.10 13.95
N ASP A 340 -26.06 -7.96 13.21
CA ASP A 340 -26.66 -9.12 12.58
C ASP A 340 -25.80 -9.72 11.48
N ARG A 341 -24.91 -8.92 10.86
CA ARG A 341 -23.95 -9.44 9.85
C ARG A 341 -22.64 -9.86 10.53
N THR A 342 -22.75 -10.91 11.35
CA THR A 342 -21.65 -11.47 12.07
C THR A 342 -21.70 -12.97 11.81
N GLU A 343 -20.59 -13.52 11.32
CA GLU A 343 -20.36 -14.95 11.26
C GLU A 343 -19.72 -15.33 12.58
N PHE A 344 -20.12 -16.49 13.14
CA PHE A 344 -19.56 -17.00 14.40
C PHE A 344 -18.75 -18.26 14.23
N LEU A 345 -17.51 -18.24 14.71
CA LEU A 345 -16.66 -19.40 14.57
C LEU A 345 -17.27 -20.64 15.24
N SER A 346 -18.13 -20.41 16.23
CA SER A 346 -18.84 -21.49 16.92
C SER A 346 -19.81 -22.23 15.99
N ASN A 347 -20.15 -21.64 14.86
CA ASN A 347 -20.90 -22.40 13.84
C ASN A 347 -20.05 -23.24 12.88
N TYR A 348 -18.74 -23.31 13.13
CA TYR A 348 -17.80 -24.02 12.26
C TYR A 348 -16.90 -24.93 13.07
N LEU A 349 -16.55 -24.51 14.27
CA LEU A 349 -15.53 -25.20 15.02
C LEU A 349 -16.09 -25.93 16.24
N THR A 350 -15.68 -27.17 16.43
CA THR A 350 -16.06 -27.91 17.63
C THR A 350 -15.23 -27.41 18.83
N ASN A 351 -13.93 -27.24 18.62
CA ASN A 351 -12.97 -26.80 19.65
C ASN A 351 -12.88 -25.28 19.96
N VAL A 352 -13.96 -24.52 19.74
CA VAL A 352 -13.88 -23.05 19.85
C VAL A 352 -13.14 -22.49 21.09
N ASP A 353 -13.16 -23.21 22.21
CA ASP A 353 -12.50 -22.76 23.45
C ASP A 353 -10.99 -23.00 23.52
N ASP A 354 -10.44 -23.64 22.49
CA ASP A 354 -9.00 -23.86 22.40
C ASP A 354 -8.33 -22.75 21.59
N ILE A 355 -9.14 -21.83 21.05
CA ILE A 355 -8.61 -20.71 20.27
C ILE A 355 -8.87 -19.35 20.89
N THR A 356 -7.95 -18.43 20.61
CA THR A 356 -8.08 -16.99 20.83
C THR A 356 -8.33 -16.36 19.44
N LEU A 357 -9.42 -15.62 19.30
CA LEU A 357 -9.65 -14.83 18.09
C LEU A 357 -9.50 -13.30 18.32
N VAL A 358 -8.66 -12.64 17.50
CA VAL A 358 -8.78 -11.19 17.31
C VAL A 358 -9.93 -10.93 16.30
N PRO A 359 -11.06 -10.37 16.77
CA PRO A 359 -12.29 -10.36 16.00
C PRO A 359 -12.59 -9.09 15.19
N GLY A 360 -13.67 -9.16 14.40
CA GLY A 360 -14.32 -7.98 13.83
C GLY A 360 -14.19 -8.00 12.33
N THR A 361 -13.59 -6.94 11.76
CA THR A 361 -13.50 -6.80 10.30
C THR A 361 -12.32 -7.57 9.71
N LEU A 362 -11.57 -8.28 10.56
CA LEU A 362 -10.56 -9.23 10.11
C LEU A 362 -10.46 -10.24 11.22
N GLY A 363 -9.99 -11.43 10.90
CA GLY A 363 -9.79 -12.38 11.97
C GLY A 363 -8.34 -12.76 12.09
N ARG A 364 -7.88 -12.92 13.33
CA ARG A 364 -6.58 -13.52 13.55
C ARG A 364 -6.73 -14.54 14.67
N ILE A 365 -6.28 -15.77 14.38
CA ILE A 365 -6.48 -16.93 15.27
C ILE A 365 -5.16 -17.47 15.78
N ARG A 366 -5.05 -17.68 17.10
CA ARG A 366 -3.96 -18.47 17.65
C ARG A 366 -4.48 -19.42 18.72
N ALA A 367 -3.66 -20.36 19.19
CA ALA A 367 -4.04 -21.28 20.27
C ALA A 367 -4.27 -20.49 21.56
N LYS A 368 -5.29 -20.86 22.33
CA LYS A 368 -5.49 -20.28 23.67
C LYS A 368 -4.29 -20.59 24.56
N SER A 369 -3.75 -21.80 24.45
CA SER A 369 -2.63 -22.23 25.27
C SER A 369 -1.48 -22.88 24.45
N ILE A 370 -0.26 -22.36 24.62
CA ILE A 370 0.96 -22.93 23.99
C ILE A 370 1.32 -24.31 24.57
N ASN A 371 0.79 -24.61 25.75
CA ASN A 371 0.94 -25.93 26.39
C ASN A 371 -0.02 -26.98 25.84
N ASN A 372 -0.90 -26.55 24.91
CA ASN A 372 -1.78 -27.47 24.19
C ASN A 372 -1.18 -27.85 22.83
N SER A 373 -0.60 -29.06 22.78
CA SER A 373 0.07 -29.57 21.58
C SER A 373 -0.88 -30.41 20.71
N LYS A 374 -2.16 -30.41 21.07
CA LYS A 374 -3.21 -31.04 20.25
C LYS A 374 -3.96 -29.99 19.42
N TYR A 375 -3.63 -28.72 19.63
CA TYR A 375 -4.09 -27.65 18.75
C TYR A 375 -3.38 -27.80 17.40
N ASP A 376 -4.16 -27.76 16.32
CA ASP A 376 -3.61 -27.94 14.97
C ASP A 376 -4.19 -26.96 13.94
N PRO A 377 -3.36 -26.04 13.42
CA PRO A 377 -3.85 -25.03 12.47
C PRO A 377 -4.45 -25.61 11.18
N LYS A 378 -3.90 -26.73 10.70
CA LYS A 378 -4.34 -27.35 9.46
C LYS A 378 -5.81 -27.72 9.55
N THR A 379 -6.20 -28.36 10.64
CA THR A 379 -7.60 -28.75 10.79
C THR A 379 -8.51 -27.57 11.12
N ILE A 380 -7.99 -26.53 11.76
CA ILE A 380 -8.80 -25.30 11.95
C ILE A 380 -9.12 -24.68 10.61
N ILE A 381 -8.09 -24.46 9.78
CA ILE A 381 -8.30 -23.90 8.43
C ILE A 381 -9.30 -24.73 7.64
N ALA A 382 -9.08 -26.05 7.62
CA ALA A 382 -9.99 -26.93 6.86
C ALA A 382 -11.45 -26.81 7.34
N ALA A 383 -11.66 -26.72 8.66
CA ALA A 383 -13.03 -26.57 9.19
C ALA A 383 -13.66 -25.20 8.86
N LEU A 384 -12.84 -24.24 8.42
CA LEU A 384 -13.34 -22.90 8.05
C LEU A 384 -13.40 -22.69 6.53
N THR A 385 -13.04 -23.72 5.76
CA THR A 385 -12.95 -23.59 4.32
C THR A 385 -14.18 -24.04 3.58
N CYS A 386 -14.80 -23.06 2.92
CA CYS A 386 -15.95 -23.25 2.04
C CYS A 386 -17.11 -24.08 2.63
N LYS A 387 -17.42 -23.85 3.90
CA LYS A 387 -18.40 -24.68 4.59
C LYS A 387 -19.85 -24.28 4.36
N LYS A 388 -20.10 -23.00 4.12
CA LYS A 388 -21.48 -22.50 3.88
C LYS A 388 -21.59 -21.78 2.53
N PRO A 389 -22.69 -21.99 1.80
CA PRO A 389 -22.80 -21.47 0.43
C PRO A 389 -22.52 -19.97 0.27
N ASP A 390 -22.79 -19.17 1.30
CA ASP A 390 -22.56 -17.73 1.19
C ASP A 390 -21.57 -17.19 2.20
N GLN A 391 -20.64 -18.04 2.63
CA GLN A 391 -19.72 -17.76 3.75
C GLN A 391 -19.13 -16.36 3.61
N HIS A 392 -19.11 -15.57 4.67
CA HIS A 392 -18.63 -14.17 4.53
C HIS A 392 -17.21 -13.87 5.05
N PHE A 393 -16.37 -14.88 5.07
CA PHE A 393 -14.97 -14.70 5.35
C PHE A 393 -14.25 -15.91 4.72
N LYS A 394 -12.96 -15.77 4.52
CA LYS A 394 -12.13 -16.83 3.91
C LYS A 394 -10.90 -16.93 4.75
N PRO A 395 -10.61 -18.14 5.21
CA PRO A 395 -9.38 -18.36 5.98
C PRO A 395 -8.14 -18.50 5.11
N TYR A 396 -7.02 -18.01 5.62
CA TYR A 396 -5.71 -18.16 5.00
C TYR A 396 -4.63 -18.48 6.02
N MET A 397 -3.65 -19.31 5.67
CA MET A 397 -2.34 -19.21 6.30
C MET A 397 -1.82 -17.84 5.86
N LYS A 398 -1.17 -17.08 6.75
CA LYS A 398 -0.81 -15.69 6.43
C LYS A 398 0.06 -15.58 5.16
N GLN A 399 0.94 -16.55 4.95
CA GLN A 399 1.81 -16.55 3.78
C GLN A 399 1.05 -16.76 2.43
N HIS A 400 -0.21 -17.20 2.50
CA HIS A 400 -1.05 -17.37 1.32
C HIS A 400 -1.95 -16.17 1.03
N LEU A 401 -1.94 -15.18 1.92
CA LEU A 401 -2.70 -13.95 1.66
C LEU A 401 -2.13 -13.29 0.36
N PRO A 402 -2.99 -12.61 -0.43
CA PRO A 402 -2.53 -11.78 -1.57
C PRO A 402 -1.30 -10.99 -1.20
N LYS A 403 -0.27 -11.13 -2.03
CA LYS A 403 0.99 -10.46 -1.75
C LYS A 403 0.81 -8.94 -1.66
N ARG A 404 -0.19 -8.40 -2.38
CA ARG A 404 -0.38 -6.95 -2.39
C ARG A 404 -0.68 -6.38 -1.01
N LEU A 405 -1.12 -7.25 -0.09
CA LEU A 405 -1.48 -6.81 1.27
C LEU A 405 -0.23 -6.62 2.14
N HIS A 406 0.87 -7.25 1.72
CA HIS A 406 2.11 -7.21 2.49
C HIS A 406 1.89 -7.47 3.99
N TYR A 407 1.14 -8.51 4.30
CA TYR A 407 0.71 -8.74 5.67
C TYR A 407 1.08 -10.12 6.22
N ALA A 408 2.35 -10.32 6.55
CA ALA A 408 2.81 -11.64 6.99
C ALA A 408 4.10 -11.62 7.77
N ASN A 409 5.07 -10.79 7.37
CA ASN A 409 6.42 -10.86 7.94
C ASN A 409 6.52 -10.09 9.28
N ASN A 410 5.75 -10.56 10.26
CA ASN A 410 5.83 -10.05 11.64
C ASN A 410 5.32 -11.12 12.60
N ARG A 411 6.09 -11.36 13.67
CA ARG A 411 5.73 -12.34 14.72
C ARG A 411 4.43 -11.98 15.39
N ARG A 412 3.99 -10.73 15.22
CA ARG A 412 2.74 -10.27 15.82
C ARG A 412 1.50 -10.61 14.98
N ILE A 413 1.71 -11.07 13.75
CA ILE A 413 0.61 -11.43 12.85
C ILE A 413 0.44 -12.93 12.97
N GLU A 414 -0.74 -13.37 13.42
CA GLU A 414 -0.96 -14.79 13.64
C GLU A 414 -0.92 -15.60 12.35
N ASP A 415 -0.49 -16.85 12.44
CA ASP A 415 -0.44 -17.72 11.25
C ASP A 415 -1.79 -17.86 10.56
N ILE A 416 -2.88 -17.89 11.32
CA ILE A 416 -4.18 -18.04 10.71
C ILE A 416 -4.85 -16.68 10.64
N HIS A 417 -5.26 -16.32 9.43
CA HIS A 417 -5.91 -15.06 9.15
C HIS A 417 -7.25 -15.25 8.47
N LEU A 418 -8.22 -14.41 8.81
CA LEU A 418 -9.49 -14.42 8.07
C LEU A 418 -9.72 -13.09 7.37
N LEU A 419 -9.82 -13.15 6.05
CA LEU A 419 -10.25 -12.00 5.28
C LEU A 419 -11.75 -12.01 5.28
N VAL A 420 -12.32 -10.94 5.84
CA VAL A 420 -13.75 -10.86 6.08
C VAL A 420 -14.38 -10.04 4.95
N ASP A 421 -15.50 -10.49 4.40
CA ASP A 421 -16.20 -9.71 3.36
C ASP A 421 -16.60 -8.33 3.87
N ARG A 422 -16.57 -7.36 2.97
CA ARG A 422 -17.00 -6.01 3.31
C ARG A 422 -18.43 -6.10 3.83
N ARG A 423 -18.73 -5.32 4.88
CA ARG A 423 -20.09 -5.24 5.46
C ARG A 423 -20.32 -6.28 6.55
N TRP A 424 -19.31 -7.12 6.81
CA TRP A 424 -19.44 -8.21 7.77
C TRP A 424 -18.48 -8.12 8.93
N HIS A 425 -18.78 -8.91 9.96
CA HIS A 425 -17.93 -9.14 11.10
C HIS A 425 -17.72 -10.65 11.29
N VAL A 426 -16.63 -11.02 11.92
CA VAL A 426 -16.41 -12.36 12.41
C VAL A 426 -16.20 -12.29 13.93
N ALA A 427 -16.85 -13.20 14.66
CA ALA A 427 -16.68 -13.28 16.12
C ALA A 427 -16.53 -14.73 16.54
N ARG A 428 -16.07 -15.00 17.75
CA ARG A 428 -15.84 -16.36 18.19
C ARG A 428 -17.17 -17.09 18.53
N LYS A 429 -17.99 -16.46 19.36
CA LYS A 429 -19.27 -17.03 19.86
C LYS A 429 -20.28 -15.90 19.94
N PRO A 430 -21.59 -16.20 19.74
CA PRO A 430 -22.62 -15.16 19.79
C PRO A 430 -22.60 -14.30 21.07
N LEU A 431 -22.20 -14.89 22.21
CA LEU A 431 -22.12 -14.16 23.49
C LEU A 431 -21.18 -12.95 23.41
N ASP A 432 -20.06 -13.10 22.70
CA ASP A 432 -19.10 -12.01 22.41
C ASP A 432 -19.73 -10.74 21.81
N VAL A 433 -20.74 -10.89 20.97
CA VAL A 433 -21.41 -9.77 20.33
C VAL A 433 -22.40 -9.00 21.24
N TYR A 434 -23.36 -9.71 21.87
CA TYR A 434 -24.37 -9.06 22.75
C TYR A 434 -23.98 -8.91 24.27
N LYS A 435 -22.92 -9.61 24.70
CA LYS A 435 -22.28 -9.40 26.02
C LYS A 435 -20.82 -8.91 25.82
N LYS A 436 -20.67 -7.68 25.32
CA LYS A 436 -19.36 -7.08 24.99
C LYS A 436 -19.09 -5.82 25.81
N CYS A 441 -28.35 -3.70 18.99
CA CYS A 441 -27.09 -3.45 18.30
C CYS A 441 -26.56 -2.01 18.45
N PHE A 442 -25.33 -1.88 18.94
CA PHE A 442 -24.68 -0.57 19.07
C PHE A 442 -24.39 0.06 17.69
N PHE A 443 -23.34 -0.47 17.03
CA PHE A 443 -22.69 0.13 15.87
C PHE A 443 -23.39 -0.07 14.52
N GLN A 444 -23.20 0.88 13.61
CA GLN A 444 -23.72 0.78 12.24
C GLN A 444 -22.63 0.96 11.19
N GLY A 445 -21.41 1.29 11.62
CA GLY A 445 -20.25 1.43 10.72
C GLY A 445 -19.02 0.76 11.29
N ASP A 446 -18.15 0.27 10.42
CA ASP A 446 -16.85 -0.21 10.84
C ASP A 446 -15.88 -0.17 9.64
N HIS A 447 -14.61 -0.48 9.88
CA HIS A 447 -13.59 -0.45 8.83
C HIS A 447 -12.54 -1.45 9.26
N GLY A 448 -11.55 -1.74 8.42
CA GLY A 448 -10.55 -2.79 8.71
C GLY A 448 -10.37 -3.74 7.55
N PHE A 449 -11.33 -3.78 6.64
CA PHE A 449 -11.36 -4.69 5.49
C PHE A 449 -10.17 -4.50 4.52
N ASP A 450 -9.97 -5.52 3.66
CA ASP A 450 -9.07 -5.45 2.47
C ASP A 450 -8.91 -4.00 1.93
N ASN A 451 -7.68 -3.53 1.74
CA ASN A 451 -7.48 -2.09 1.39
C ASN A 451 -7.80 -1.75 -0.04
N LYS A 452 -8.22 -2.76 -0.81
CA LYS A 452 -8.75 -2.51 -2.16
C LYS A 452 -10.24 -2.09 -2.17
N VAL A 453 -10.95 -2.35 -1.08
CA VAL A 453 -12.42 -2.07 -0.99
C VAL A 453 -12.73 -0.58 -1.11
N ASN A 454 -13.67 -0.20 -1.98
CA ASN A 454 -13.95 1.21 -2.24
C ASN A 454 -14.32 1.98 -0.98
N SER A 455 -15.12 1.36 -0.11
CA SER A 455 -15.57 2.06 1.10
C SER A 455 -14.42 2.32 2.08
N MET A 456 -13.31 1.60 1.96
CA MET A 456 -12.16 1.85 2.83
C MET A 456 -11.25 2.95 2.28
N GLN A 457 -11.46 3.39 1.04
CA GLN A 457 -10.58 4.46 0.47
C GLN A 457 -10.74 5.75 1.26
N THR A 458 -9.68 6.55 1.31
CA THR A 458 -9.72 7.76 2.08
C THR A 458 -9.23 8.90 1.18
N VAL A 459 -8.84 10.04 1.77
CA VAL A 459 -8.64 11.27 0.97
C VAL A 459 -7.21 11.79 1.02
N PHE A 460 -6.85 12.54 -0.03
CA PHE A 460 -5.63 13.36 0.02
C PHE A 460 -5.84 14.69 -0.70
N VAL A 461 -5.46 15.79 -0.03
CA VAL A 461 -5.36 17.09 -0.66
C VAL A 461 -4.07 17.73 -0.19
N GLY A 462 -3.32 18.31 -1.12
CA GLY A 462 -2.14 19.11 -0.74
C GLY A 462 -2.32 20.55 -1.23
N TYR A 463 -2.09 21.50 -0.36
CA TYR A 463 -2.25 22.89 -0.74
C TYR A 463 -1.06 23.72 -0.24
N GLY A 464 -0.48 24.54 -1.10
CA GLY A 464 0.63 25.39 -0.63
C GLY A 464 1.58 25.68 -1.78
N PRO A 465 2.67 26.40 -1.52
CA PRO A 465 3.68 26.82 -2.52
C PRO A 465 4.37 25.65 -3.19
N THR A 466 4.54 24.53 -2.47
CA THR A 466 5.33 23.42 -3.00
C THR A 466 4.45 22.43 -3.78
N PHE A 467 3.14 22.41 -3.54
CA PHE A 467 2.19 21.61 -4.32
C PHE A 467 1.78 22.32 -5.60
N LYS A 468 1.27 21.56 -6.56
CA LYS A 468 0.71 22.17 -7.78
C LYS A 468 -0.61 22.88 -7.59
N TYR A 469 -0.90 23.76 -8.54
CA TYR A 469 -2.11 24.59 -8.56
C TYR A 469 -3.24 23.88 -9.33
N ARG A 470 -4.43 23.80 -8.75
CA ARG A 470 -5.63 23.17 -9.41
C ARG A 470 -5.31 21.89 -10.15
N THR A 471 -4.66 20.91 -9.51
CA THR A 471 -4.19 19.74 -10.27
C THR A 471 -4.81 18.50 -9.67
N LYS A 472 -5.34 17.62 -10.49
CA LYS A 472 -5.83 16.32 -10.05
C LYS A 472 -4.74 15.30 -10.36
N VAL A 473 -4.43 14.42 -9.42
CA VAL A 473 -3.42 13.36 -9.68
C VAL A 473 -4.15 12.03 -9.52
N PRO A 474 -3.62 10.96 -10.12
CA PRO A 474 -4.25 9.65 -9.92
C PRO A 474 -4.16 9.17 -8.46
N PRO A 475 -5.04 8.22 -8.08
CA PRO A 475 -5.02 7.62 -6.75
C PRO A 475 -3.68 7.00 -6.51
N PHE A 476 -3.21 7.02 -5.27
CA PHE A 476 -1.91 6.47 -4.92
C PHE A 476 -2.06 5.93 -3.49
N GLU A 477 -1.05 5.19 -3.05
CA GLU A 477 -1.05 4.55 -1.73
C GLU A 477 -0.40 5.45 -0.70
N ASN A 478 -0.93 5.36 0.53
CA ASN A 478 -0.45 6.21 1.59
C ASN A 478 1.00 5.93 2.05
N ILE A 479 1.53 4.73 1.74
CA ILE A 479 2.97 4.43 2.00
C ILE A 479 3.90 5.39 1.25
N GLU A 480 3.40 6.06 0.21
CA GLU A 480 4.22 7.01 -0.60
C GLU A 480 4.41 8.41 0.03
N LEU A 481 3.58 8.76 1.03
CA LEU A 481 3.55 10.16 1.48
C LEU A 481 4.73 10.57 2.34
N TYR A 482 5.28 9.63 3.13
CA TYR A 482 6.43 9.94 3.98
C TYR A 482 7.59 10.53 3.14
N ASN A 483 7.95 9.89 2.02
CA ASN A 483 8.95 10.48 1.09
C ASN A 483 8.62 11.95 0.71
N VAL A 484 7.40 12.21 0.31
CA VAL A 484 6.99 13.54 -0.14
C VAL A 484 7.05 14.56 1.00
N MET A 485 6.63 14.15 2.21
CA MET A 485 6.73 15.00 3.37
C MET A 485 8.20 15.31 3.69
N CYS A 486 9.07 14.33 3.52
CA CYS A 486 10.51 14.54 3.65
C CYS A 486 11.01 15.54 2.59
N ASP A 487 10.57 15.40 1.34
CA ASP A 487 10.89 16.35 0.26
C ASP A 487 10.41 17.77 0.61
N LEU A 488 9.18 17.89 1.08
CA LEU A 488 8.62 19.19 1.49
C LEU A 488 9.41 19.84 2.58
N LEU A 489 10.10 19.03 3.39
CA LEU A 489 10.88 19.58 4.50
C LEU A 489 12.41 19.58 4.24
N GLY A 490 12.83 19.22 3.04
CA GLY A 490 14.27 19.11 2.73
C GLY A 490 14.96 18.05 3.56
N LEU A 491 14.26 16.95 3.90
CA LEU A 491 14.84 15.86 4.72
C LEU A 491 15.21 14.66 3.85
N LYS A 492 16.15 13.86 4.31
CA LYS A 492 16.47 12.62 3.64
C LYS A 492 15.61 11.54 4.32
N PRO A 493 14.74 10.87 3.56
CA PRO A 493 13.84 9.89 4.20
C PRO A 493 14.63 8.70 4.75
N ALA A 494 14.24 8.19 5.91
CA ALA A 494 14.77 6.89 6.34
C ALA A 494 14.29 5.80 5.35
N PRO A 495 14.99 4.65 5.29
CA PRO A 495 14.57 3.59 4.35
C PRO A 495 13.12 3.15 4.54
N ASN A 496 12.34 3.10 3.45
CA ASN A 496 10.90 2.89 3.65
C ASN A 496 10.30 2.21 2.43
N ASN A 497 8.98 1.97 2.46
CA ASN A 497 8.35 1.23 1.34
C ASN A 497 7.76 2.08 0.21
N GLY A 498 7.75 3.38 0.36
CA GLY A 498 7.43 4.22 -0.78
C GLY A 498 8.48 4.01 -1.89
N THR A 499 8.18 4.54 -3.06
CA THR A 499 9.09 4.53 -4.20
C THR A 499 9.35 5.99 -4.51
N HIS A 500 10.52 6.45 -4.11
CA HIS A 500 10.77 7.88 -4.03
C HIS A 500 10.91 8.41 -5.44
N GLY A 501 10.08 9.40 -5.78
CA GLY A 501 9.94 9.87 -7.13
C GLY A 501 8.60 9.53 -7.76
N SER A 502 7.91 8.49 -7.31
CA SER A 502 6.60 8.14 -7.87
C SER A 502 5.50 9.21 -7.66
N LEU A 503 5.66 10.09 -6.67
CA LEU A 503 4.74 11.21 -6.46
C LEU A 503 5.33 12.56 -6.82
N ASN A 504 6.36 12.58 -7.70
CA ASN A 504 6.90 13.88 -8.13
C ASN A 504 5.88 14.78 -8.82
N HIS A 505 4.95 14.16 -9.58
CA HIS A 505 3.90 14.89 -10.24
C HIS A 505 2.93 15.65 -9.32
N LEU A 506 3.04 15.49 -8.01
CA LEU A 506 2.22 16.27 -7.06
C LEU A 506 2.81 17.65 -6.81
N LEU A 507 4.11 17.79 -7.12
CA LEU A 507 4.89 18.90 -6.60
C LEU A 507 5.30 19.89 -7.69
N ARG A 508 5.26 21.16 -7.31
CA ARG A 508 5.69 22.24 -8.16
C ARG A 508 7.21 22.26 -8.20
N THR A 509 7.85 22.09 -7.04
CA THR A 509 9.31 22.07 -6.94
C THR A 509 9.68 21.07 -5.84
N ASN A 510 10.96 21.02 -5.44
CA ASN A 510 11.49 20.09 -4.40
C ASN A 510 11.39 18.64 -4.86
N THR A 511 11.32 18.43 -6.17
CA THR A 511 11.18 17.07 -6.63
C THR A 511 12.48 16.31 -6.27
N PHE A 512 12.38 14.99 -6.22
CA PHE A 512 13.52 14.16 -5.91
C PHE A 512 13.87 13.57 -7.24
N ARG A 513 15.13 13.62 -7.63
CA ARG A 513 15.48 13.18 -8.98
C ARG A 513 16.16 11.83 -8.92
N PRO A 514 15.37 10.74 -8.94
CA PRO A 514 15.93 9.40 -8.77
C PRO A 514 16.64 8.91 -10.04
N THR A 515 17.60 8.02 -9.88
CA THR A 515 18.29 7.41 -11.01
C THR A 515 17.91 5.93 -10.99
N MET A 516 17.95 5.29 -12.15
CA MET A 516 17.67 3.87 -12.24
C MET A 516 18.75 3.09 -11.49
N PRO A 517 18.38 2.02 -10.78
CA PRO A 517 19.43 1.20 -10.16
C PRO A 517 20.35 0.58 -11.21
N ASP A 518 21.63 0.42 -10.86
CA ASP A 518 22.59 -0.19 -11.78
C ASP A 518 22.36 -1.70 -11.88
N GLU A 519 22.43 -2.24 -13.09
CA GLU A 519 22.37 -3.68 -13.28
C GLU A 519 23.58 -4.30 -12.57
N VAL A 520 23.35 -5.36 -11.82
CA VAL A 520 24.44 -6.02 -11.16
C VAL A 520 25.03 -7.17 -11.98
N SER A 521 24.20 -7.99 -12.63
CA SER A 521 24.72 -9.11 -13.40
C SER A 521 24.40 -8.91 -14.84
N ARG A 522 25.41 -8.99 -15.70
CA ARG A 522 25.16 -8.92 -17.12
C ARG A 522 24.91 -10.32 -17.70
N PRO A 523 24.09 -10.39 -18.76
CA PRO A 523 23.69 -11.70 -19.24
C PRO A 523 24.76 -12.31 -20.10
N ASN A 524 24.72 -13.63 -20.26
CA ASN A 524 25.45 -14.32 -21.34
C ASN A 524 24.50 -14.48 -22.50
N TYR A 525 25.05 -14.54 -23.72
CA TYR A 525 24.26 -14.73 -24.94
C TYR A 525 24.74 -16.02 -25.64
N PRO A 526 24.33 -17.20 -25.15
CA PRO A 526 24.85 -18.44 -25.72
C PRO A 526 24.40 -18.74 -27.17
N GLY A 527 25.32 -19.24 -27.98
CA GLY A 527 24.96 -19.80 -29.28
C GLY A 527 24.80 -21.31 -29.17
N ILE A 528 24.73 -22.01 -30.30
CA ILE A 528 24.56 -23.47 -30.27
C ILE A 528 25.86 -24.14 -29.83
N MET A 529 25.82 -24.86 -28.70
CA MET A 529 27.05 -25.37 -28.07
C MET A 529 26.99 -26.84 -27.67
N TYR A 530 25.82 -27.48 -27.85
CA TYR A 530 25.62 -28.87 -27.42
C TYR A 530 24.91 -29.68 -28.47
N LEU A 531 25.32 -30.93 -28.59
CA LEU A 531 24.67 -31.84 -29.50
C LEU A 531 23.53 -32.49 -28.73
N GLN A 532 22.44 -32.79 -29.45
CA GLN A 532 21.23 -33.43 -28.90
C GLN A 532 21.59 -34.62 -28.00
N SER A 533 22.50 -35.47 -28.48
CA SER A 533 22.86 -36.70 -27.77
C SER A 533 23.63 -36.48 -26.46
N GLU A 534 24.08 -35.26 -26.16
CA GLU A 534 24.70 -35.00 -24.84
C GLU A 534 23.65 -34.90 -23.73
N PHE A 535 22.39 -34.79 -24.09
CA PHE A 535 21.35 -34.63 -23.08
C PHE A 535 20.80 -35.98 -22.73
N ASP A 536 20.65 -36.22 -21.45
CA ASP A 536 19.98 -37.42 -21.00
C ASP A 536 19.00 -37.00 -19.92
N LEU A 537 17.92 -36.38 -20.36
CA LEU A 537 17.02 -35.74 -19.43
C LEU A 537 15.77 -36.58 -19.30
N GLY A 538 15.65 -37.61 -20.15
CA GLY A 538 14.45 -38.46 -20.16
C GLY A 538 13.30 -37.76 -20.82
N CYS A 539 13.62 -36.70 -21.56
CA CYS A 539 12.62 -35.99 -22.36
C CYS A 539 12.48 -36.60 -23.73
N THR A 540 11.28 -36.56 -24.28
CA THR A 540 11.07 -36.97 -25.68
C THR A 540 10.21 -35.94 -26.40
N CYS A 541 10.44 -35.82 -27.69
CA CYS A 541 9.58 -35.05 -28.55
C CYS A 541 9.48 -35.68 -29.93
N ASP A 542 8.26 -35.72 -30.44
CA ASP A 542 8.00 -36.11 -31.83
C ASP A 542 8.32 -34.96 -32.81
N ASP A 543 9.61 -34.76 -33.10
CA ASP A 543 10.03 -33.68 -33.99
C ASP A 543 11.08 -34.10 -35.01
N ASN A 549 16.05 -26.40 -46.63
CA ASN A 549 15.51 -25.18 -47.20
C ASN A 549 16.40 -23.98 -46.86
N LYS A 550 16.98 -23.34 -47.88
CA LYS A 550 17.79 -22.11 -47.67
C LYS A 550 16.99 -20.82 -47.38
N LEU A 551 15.76 -20.73 -47.90
CA LEU A 551 14.87 -19.59 -47.60
C LEU A 551 14.65 -19.46 -46.07
N GLU A 552 14.16 -20.55 -45.48
CA GLU A 552 13.74 -20.57 -44.07
C GLU A 552 14.74 -21.18 -43.06
N GLU A 553 16.00 -21.34 -43.48
CA GLU A 553 17.09 -21.68 -42.56
C GLU A 553 17.93 -20.47 -42.15
N LEU A 554 18.04 -19.48 -43.03
CA LEU A 554 18.61 -18.17 -42.64
C LEU A 554 17.59 -17.46 -41.73
N ASN A 555 16.32 -17.71 -42.02
CA ASN A 555 15.18 -17.20 -41.27
C ASN A 555 15.18 -17.59 -39.78
N LYS A 556 15.27 -18.90 -39.50
CA LYS A 556 15.31 -19.41 -38.11
C LYS A 556 16.55 -18.94 -37.33
N ARG A 557 17.70 -18.90 -38.00
CA ARG A 557 18.96 -18.38 -37.43
C ARG A 557 18.91 -16.93 -36.92
N LEU A 558 18.28 -16.04 -37.72
CA LEU A 558 18.16 -14.61 -37.37
C LEU A 558 17.30 -14.43 -36.12
N HIS A 559 16.22 -15.21 -36.03
CA HIS A 559 15.31 -15.25 -34.87
C HIS A 559 16.03 -15.63 -33.58
N THR A 560 16.86 -16.67 -33.68
CA THR A 560 17.71 -17.11 -32.55
C THR A 560 18.83 -16.09 -32.24
N LYS A 561 19.17 -15.20 -33.20
CA LYS A 561 20.12 -14.09 -32.95
C LYS A 561 19.44 -12.82 -32.40
N GLY A 562 18.11 -12.80 -32.37
CA GLY A 562 17.39 -11.67 -31.79
C GLY A 562 16.75 -10.74 -32.81
N SER A 563 16.38 -11.25 -33.98
CA SER A 563 15.77 -10.43 -35.03
C SER A 563 14.36 -9.87 -34.68
N THR A 564 13.52 -10.70 -34.07
CA THR A 564 12.18 -10.26 -33.66
C THR A 564 12.19 -9.61 -32.25
N LYS A 565 13.38 -9.39 -31.66
CA LYS A 565 13.45 -8.99 -30.24
C LYS A 565 12.79 -7.63 -29.92
N GLU A 566 12.76 -6.74 -30.90
CA GLU A 566 12.18 -5.41 -30.71
C GLU A 566 10.65 -5.48 -30.68
N ARG A 567 10.11 -6.59 -31.14
CA ARG A 567 8.67 -6.87 -31.10
C ARG A 567 8.28 -7.44 -29.71
N HIS A 568 9.11 -8.32 -29.16
CA HIS A 568 8.71 -9.03 -27.93
C HIS A 568 9.27 -8.45 -26.64
N LEU A 569 10.33 -7.68 -26.78
CA LEU A 569 10.92 -6.96 -25.69
C LEU A 569 10.77 -5.44 -25.87
N LEU A 570 9.59 -4.91 -25.53
CA LEU A 570 9.26 -3.52 -25.88
C LEU A 570 9.89 -2.45 -25.02
N TYR A 571 10.28 -2.79 -23.80
CA TYR A 571 10.75 -1.78 -22.85
C TYR A 571 12.15 -2.08 -22.37
N GLY A 572 12.91 -2.80 -23.20
CA GLY A 572 14.27 -3.16 -22.86
C GLY A 572 14.22 -4.42 -22.02
N ARG A 573 15.36 -5.07 -21.85
CA ARG A 573 15.34 -6.23 -20.97
C ARG A 573 15.37 -5.76 -19.53
N PRO A 574 14.72 -6.51 -18.64
CA PRO A 574 14.78 -6.19 -17.22
C PRO A 574 16.22 -6.24 -16.72
N ALA A 575 16.57 -5.38 -15.77
CA ALA A 575 17.91 -5.46 -15.22
C ALA A 575 17.90 -6.41 -14.02
N VAL A 576 18.93 -7.25 -13.92
CA VAL A 576 19.11 -8.15 -12.79
C VAL A 576 19.88 -7.43 -11.72
N LEU A 577 19.28 -7.17 -10.55
CA LEU A 577 19.91 -6.32 -9.53
C LEU A 577 20.62 -7.09 -8.43
N TYR A 578 20.91 -8.35 -8.67
CA TYR A 578 21.73 -9.11 -7.74
C TYR A 578 22.74 -9.91 -8.55
N ARG A 579 23.66 -10.56 -7.84
CA ARG A 579 24.75 -11.30 -8.46
C ARG A 579 24.27 -12.72 -8.81
N THR A 580 24.31 -13.07 -10.08
CA THR A 580 23.80 -14.40 -10.49
C THR A 580 24.32 -14.77 -11.86
N SER A 581 23.99 -15.95 -12.34
CA SER A 581 24.47 -16.34 -13.60
C SER A 581 23.29 -16.65 -14.52
N TYR A 582 23.17 -15.91 -15.63
CA TYR A 582 21.98 -16.12 -16.49
C TYR A 582 22.25 -15.81 -17.95
N ASP A 583 21.39 -16.34 -18.82
CA ASP A 583 21.57 -16.26 -20.25
C ASP A 583 20.38 -15.61 -20.91
N ILE A 584 20.59 -14.76 -21.90
CA ILE A 584 19.47 -14.33 -22.76
C ILE A 584 19.24 -15.36 -23.86
N LEU A 585 17.99 -15.79 -24.04
CA LEU A 585 17.58 -16.75 -25.08
C LEU A 585 16.55 -16.06 -25.97
N TYR A 586 16.87 -15.97 -27.26
CA TYR A 586 15.97 -15.37 -28.23
C TYR A 586 15.18 -16.44 -28.98
N HIS A 587 13.96 -16.13 -29.35
CA HIS A 587 13.13 -17.00 -30.19
C HIS A 587 12.21 -16.14 -31.02
N THR A 588 11.61 -16.75 -32.04
CA THR A 588 10.67 -16.06 -32.93
C THR A 588 9.58 -15.29 -32.18
N ASP A 589 8.95 -15.98 -31.23
CA ASP A 589 7.76 -15.48 -30.48
C ASP A 589 8.02 -14.91 -29.07
N PHE A 590 9.23 -15.09 -28.55
CA PHE A 590 9.53 -14.69 -27.19
C PHE A 590 11.01 -14.66 -26.89
N GLU A 591 11.34 -13.98 -25.80
CA GLU A 591 12.69 -13.79 -25.38
C GLU A 591 12.70 -14.07 -23.89
N SER A 592 13.76 -14.69 -23.38
CA SER A 592 13.79 -15.04 -21.96
C SER A 592 15.15 -14.76 -21.34
N GLY A 593 15.17 -14.52 -20.02
CA GLY A 593 16.42 -14.43 -19.28
C GLY A 593 16.41 -15.69 -18.44
N TYR A 594 17.28 -16.64 -18.79
CA TYR A 594 17.28 -18.01 -18.23
C TYR A 594 18.35 -18.17 -17.13
N SER A 595 17.92 -18.54 -15.92
CA SER A 595 18.82 -18.63 -14.77
C SER A 595 19.49 -20.00 -14.73
N GLU A 596 20.82 -20.01 -14.82
CA GLU A 596 21.60 -21.22 -14.68
C GLU A 596 21.57 -21.74 -13.24
N ILE A 597 21.28 -20.86 -12.29
CA ILE A 597 21.20 -21.21 -10.86
C ILE A 597 19.84 -21.86 -10.49
N PHE A 598 18.73 -21.26 -10.91
CA PHE A 598 17.40 -21.78 -10.59
C PHE A 598 16.84 -22.72 -11.66
N LEU A 599 17.58 -22.89 -12.76
CA LEU A 599 17.23 -23.83 -13.88
C LEU A 599 15.90 -23.50 -14.62
N MET A 600 15.57 -22.21 -14.70
CA MET A 600 14.37 -21.77 -15.37
C MET A 600 14.48 -20.27 -15.62
N PRO A 601 13.61 -19.70 -16.46
CA PRO A 601 13.67 -18.27 -16.65
C PRO A 601 13.34 -17.49 -15.38
N LEU A 602 14.05 -16.37 -15.21
CA LEU A 602 13.68 -15.35 -14.26
C LEU A 602 12.53 -14.54 -14.87
N TRP A 603 12.50 -14.44 -16.19
CA TRP A 603 11.47 -13.68 -16.89
C TRP A 603 11.39 -14.18 -18.32
N THR A 604 10.20 -14.05 -18.88
CA THR A 604 9.90 -14.45 -20.26
C THR A 604 9.00 -13.34 -20.82
N SER A 605 9.42 -12.74 -21.94
CA SER A 605 8.77 -11.56 -22.51
C SER A 605 8.22 -11.87 -23.91
N TYR A 606 6.96 -11.52 -24.13
CA TYR A 606 6.34 -11.73 -25.46
C TYR A 606 5.17 -10.77 -25.74
N THR A 607 4.98 -10.43 -27.01
CA THR A 607 3.92 -9.51 -27.40
C THR A 607 2.89 -10.27 -28.24
N ILE A 608 1.59 -10.06 -27.91
CA ILE A 608 0.42 -10.65 -28.56
C ILE A 608 -0.38 -9.49 -29.13
N SER A 609 -0.41 -9.37 -30.46
CA SER A 609 -1.14 -8.28 -31.10
C SER A 609 -2.65 -8.57 -31.05
N LYS A 610 -3.49 -7.54 -31.28
CA LYS A 610 -4.94 -7.73 -31.35
C LYS A 610 -5.39 -8.81 -32.35
N GLN A 611 -4.67 -8.95 -33.46
CA GLN A 611 -4.96 -9.90 -34.55
C GLN A 611 -4.48 -11.34 -34.30
N ALA A 612 -3.66 -11.56 -33.28
CA ALA A 612 -3.04 -12.89 -33.07
C ALA A 612 -4.08 -13.98 -32.95
N GLU A 613 -3.72 -15.20 -33.32
CA GLU A 613 -4.63 -16.34 -33.22
C GLU A 613 -4.19 -17.36 -32.15
N VAL A 614 -5.18 -17.89 -31.44
CA VAL A 614 -4.96 -18.99 -30.51
C VAL A 614 -5.06 -20.26 -31.32
N SER A 615 -4.12 -21.18 -31.10
CA SER A 615 -4.17 -22.52 -31.67
C SER A 615 -4.08 -23.48 -30.50
N SER A 616 -4.09 -24.77 -30.80
CA SER A 616 -4.00 -25.76 -29.75
C SER A 616 -2.64 -26.45 -29.82
N ILE A 617 -2.30 -27.22 -28.79
CA ILE A 617 -1.14 -28.09 -28.86
C ILE A 617 -1.52 -29.33 -29.68
N PRO A 618 -0.88 -29.53 -30.87
CA PRO A 618 -1.11 -30.73 -31.68
C PRO A 618 -0.93 -32.00 -30.86
N GLU A 619 -1.66 -33.05 -31.23
CA GLU A 619 -1.64 -34.33 -30.49
C GLU A 619 -0.26 -34.95 -30.36
N HIS A 620 0.53 -34.91 -31.45
CA HIS A 620 1.85 -35.55 -31.44
C HIS A 620 2.87 -34.79 -30.55
N LEU A 621 2.49 -33.60 -30.10
CA LEU A 621 3.36 -32.75 -29.25
C LEU A 621 2.86 -32.59 -27.80
N THR A 622 1.85 -33.36 -27.39
CA THR A 622 1.25 -33.20 -26.05
C THR A 622 2.28 -33.32 -24.92
N ASN A 623 3.16 -34.30 -25.02
CA ASN A 623 4.16 -34.49 -23.97
C ASN A 623 5.57 -34.15 -24.43
N CYS A 624 5.66 -33.36 -25.49
CA CYS A 624 6.96 -32.97 -26.06
C CYS A 624 7.76 -31.97 -25.16
N VAL A 625 8.98 -32.34 -24.81
CA VAL A 625 9.94 -31.43 -24.18
C VAL A 625 11.25 -31.62 -24.91
N ARG A 626 11.88 -30.52 -25.37
CA ARG A 626 13.03 -30.60 -26.25
C ARG A 626 14.25 -29.98 -25.58
N PRO A 627 15.40 -30.71 -25.61
CA PRO A 627 16.64 -30.08 -25.15
C PRO A 627 16.95 -28.77 -25.87
N ASP A 628 17.54 -27.83 -25.12
CA ASP A 628 17.95 -26.56 -25.68
C ASP A 628 19.46 -26.55 -25.91
N VAL A 629 19.87 -26.58 -27.18
CA VAL A 629 21.29 -26.80 -27.53
C VAL A 629 22.18 -25.60 -27.22
N ARG A 630 21.56 -24.51 -26.75
CA ARG A 630 22.35 -23.37 -26.25
C ARG A 630 22.72 -23.53 -24.76
N VAL A 631 22.16 -24.50 -24.08
CA VAL A 631 22.21 -24.54 -22.60
C VAL A 631 22.64 -25.93 -22.15
N SER A 632 23.65 -26.03 -21.27
CA SER A 632 24.23 -27.35 -20.99
C SER A 632 23.23 -28.28 -20.31
N PRO A 633 23.33 -29.60 -20.60
CA PRO A 633 22.53 -30.57 -19.85
C PRO A 633 22.60 -30.23 -18.37
N GLY A 634 23.79 -29.85 -17.88
CA GLY A 634 24.00 -29.66 -16.45
C GLY A 634 23.26 -28.46 -15.86
N PHE A 635 22.86 -27.51 -16.72
CA PHE A 635 22.07 -26.37 -16.29
C PHE A 635 20.64 -26.44 -16.80
N SER A 636 20.15 -27.66 -17.05
CA SER A 636 18.79 -27.83 -17.58
C SER A 636 17.91 -28.56 -16.60
N GLN A 637 16.59 -28.44 -16.76
CA GLN A 637 15.69 -29.34 -16.03
C GLN A 637 15.70 -30.73 -16.69
N ASN A 638 15.12 -31.73 -16.05
CA ASN A 638 14.95 -33.01 -16.73
C ASN A 638 13.55 -33.53 -16.55
N CYS A 639 13.09 -34.29 -17.54
CA CYS A 639 11.72 -34.82 -17.51
C CYS A 639 11.55 -35.94 -16.51
N LEU A 640 12.61 -36.67 -16.23
CA LEU A 640 12.55 -37.77 -15.26
C LEU A 640 12.10 -37.32 -13.87
N ALA A 641 12.66 -36.22 -13.38
CA ALA A 641 12.22 -35.64 -12.12
C ALA A 641 10.69 -35.50 -12.02
N TYR A 642 10.05 -34.95 -13.07
CA TYR A 642 8.58 -34.74 -13.08
C TYR A 642 7.81 -36.05 -13.13
N LYS A 643 8.38 -37.04 -13.80
CA LYS A 643 7.77 -38.36 -13.88
C LYS A 643 7.77 -38.94 -12.48
N ASN A 644 8.94 -38.91 -11.85
CA ASN A 644 9.09 -39.45 -10.50
C ASN A 644 8.29 -38.72 -9.43
N ASP A 645 8.11 -37.40 -9.58
CA ASP A 645 7.40 -36.58 -8.60
C ASP A 645 5.92 -36.66 -8.87
N LYS A 646 5.27 -37.49 -8.05
CA LYS A 646 3.86 -37.74 -8.24
C LYS A 646 2.99 -36.52 -7.98
N GLN A 647 3.52 -35.54 -7.23
CA GLN A 647 2.78 -34.31 -6.89
C GLN A 647 2.95 -33.22 -7.94
N MET A 648 4.09 -33.24 -8.61
CA MET A 648 4.51 -32.07 -9.37
C MET A 648 4.43 -32.34 -10.86
N SER A 649 3.84 -31.42 -11.60
CA SER A 649 3.82 -31.53 -13.05
C SER A 649 4.58 -30.32 -13.59
N TYR A 650 4.36 -29.92 -14.84
CA TYR A 650 5.08 -28.77 -15.37
C TYR A 650 4.20 -27.99 -16.32
N GLY A 651 4.57 -26.73 -16.52
CA GLY A 651 3.90 -25.79 -17.43
C GLY A 651 4.97 -25.06 -18.22
N PHE A 652 4.55 -24.15 -19.09
CA PHE A 652 5.44 -23.35 -19.91
C PHE A 652 5.18 -21.88 -19.67
N LEU A 653 6.25 -21.09 -19.66
CA LEU A 653 6.09 -19.66 -19.50
C LEU A 653 5.57 -18.92 -20.74
N PHE A 654 6.19 -19.14 -21.89
CA PHE A 654 5.59 -18.67 -23.13
C PHE A 654 4.57 -19.73 -23.56
N PRO A 655 3.29 -19.35 -23.74
CA PRO A 655 2.27 -20.40 -23.98
C PRO A 655 2.35 -21.00 -25.42
N PRO A 656 2.47 -22.33 -25.56
CA PRO A 656 2.39 -22.92 -26.92
C PRO A 656 1.15 -22.47 -27.73
N TYR A 657 0.03 -22.19 -27.05
CA TYR A 657 -1.20 -21.80 -27.72
C TYR A 657 -1.04 -20.55 -28.53
N LEU A 658 -0.05 -19.72 -28.22
CA LEU A 658 0.05 -18.42 -28.89
C LEU A 658 1.22 -18.31 -29.87
N SER A 659 1.75 -19.47 -30.23
CA SER A 659 2.82 -19.57 -31.23
C SER A 659 2.37 -18.91 -32.57
N SER A 660 3.30 -18.29 -33.28
CA SER A 660 2.95 -17.54 -34.46
C SER A 660 2.81 -18.43 -35.72
N SER A 661 3.31 -19.66 -35.65
CA SER A 661 3.29 -20.59 -36.77
C SER A 661 3.55 -22.00 -36.25
N PRO A 662 3.04 -23.02 -36.97
CA PRO A 662 3.33 -24.39 -36.59
C PRO A 662 4.81 -24.61 -36.32
N GLU A 663 5.69 -24.01 -37.11
CA GLU A 663 7.12 -24.22 -36.87
C GLU A 663 7.66 -23.49 -35.63
N ALA A 664 7.17 -22.27 -35.38
CA ALA A 664 7.62 -21.56 -34.18
C ALA A 664 7.13 -22.30 -32.92
N LYS A 665 6.01 -23.02 -33.02
CA LYS A 665 5.49 -23.73 -31.87
C LYS A 665 6.54 -24.64 -31.20
N TYR A 666 7.47 -25.22 -31.97
CA TYR A 666 8.52 -26.08 -31.40
C TYR A 666 9.37 -25.40 -30.36
N ASP A 667 9.61 -24.11 -30.51
CA ASP A 667 10.36 -23.31 -29.51
C ASP A 667 9.70 -23.33 -28.13
N ALA A 668 8.38 -23.34 -28.09
CA ALA A 668 7.63 -23.30 -26.82
C ALA A 668 7.81 -24.55 -25.98
N PHE A 669 8.25 -25.64 -26.61
CA PHE A 669 8.46 -26.90 -25.89
C PHE A 669 9.89 -27.12 -25.44
N LEU A 670 10.75 -26.13 -25.64
CA LEU A 670 12.13 -26.19 -25.10
C LEU A 670 12.14 -26.34 -23.59
N VAL A 671 13.09 -27.12 -23.10
CA VAL A 671 13.19 -27.44 -21.69
C VAL A 671 13.53 -26.16 -20.94
N THR A 672 14.06 -25.16 -21.65
CA THR A 672 14.37 -23.90 -21.02
C THR A 672 13.13 -22.98 -20.87
N ASN A 673 11.98 -23.38 -21.39
CA ASN A 673 10.73 -22.58 -21.27
C ASN A 673 9.81 -23.24 -20.21
N MET A 674 10.28 -24.36 -19.62
CA MET A 674 9.49 -25.18 -18.72
C MET A 674 9.64 -24.79 -17.23
N VAL A 675 8.53 -24.88 -16.46
CA VAL A 675 8.54 -24.49 -15.05
C VAL A 675 7.68 -25.46 -14.26
N PRO A 676 8.02 -25.65 -12.98
CA PRO A 676 7.25 -26.67 -12.28
C PRO A 676 5.89 -26.14 -11.84
N MET A 677 4.86 -26.95 -12.03
CA MET A 677 3.48 -26.60 -11.69
C MET A 677 2.71 -27.77 -11.14
N TYR A 678 2.10 -27.56 -9.99
CA TYR A 678 1.09 -28.47 -9.46
C TYR A 678 -0.04 -28.61 -10.45
N PRO A 679 -0.59 -29.84 -10.62
CA PRO A 679 -1.73 -29.99 -11.52
C PRO A 679 -2.88 -29.05 -11.20
N ALA A 680 -3.12 -28.78 -9.91
CA ALA A 680 -4.20 -27.87 -9.55
C ALA A 680 -3.91 -26.45 -10.06
N PHE A 681 -2.65 -26.02 -9.96
CA PHE A 681 -2.29 -24.72 -10.50
C PHE A 681 -2.33 -24.68 -12.04
N LYS A 682 -2.04 -25.79 -12.70
CA LYS A 682 -2.08 -25.84 -14.16
C LYS A 682 -3.43 -25.45 -14.74
N ARG A 683 -4.51 -25.83 -14.05
CA ARG A 683 -5.86 -25.37 -14.43
C ARG A 683 -5.97 -23.86 -14.54
N VAL A 684 -5.39 -23.15 -13.56
CA VAL A 684 -5.35 -21.69 -13.53
C VAL A 684 -4.52 -21.14 -14.71
N TRP A 685 -3.27 -21.60 -14.75
CA TRP A 685 -2.26 -21.14 -15.69
C TRP A 685 -2.69 -21.34 -17.15
N ALA A 686 -3.19 -22.54 -17.45
CA ALA A 686 -3.66 -22.88 -18.79
C ALA A 686 -4.84 -22.00 -19.21
N TYR A 687 -5.74 -21.72 -18.28
CA TYR A 687 -6.84 -20.82 -18.64
C TYR A 687 -6.37 -19.39 -18.90
N PHE A 688 -5.47 -18.89 -18.04
CA PHE A 688 -4.88 -17.59 -18.27
C PHE A 688 -4.20 -17.53 -19.66
N GLN A 689 -3.43 -18.56 -19.98
CA GLN A 689 -2.64 -18.54 -21.23
C GLN A 689 -3.49 -18.82 -22.49
N ARG A 690 -4.45 -19.75 -22.40
CA ARG A 690 -5.30 -20.13 -23.53
C ARG A 690 -6.40 -19.08 -23.80
N VAL A 691 -7.02 -18.54 -22.74
CA VAL A 691 -8.20 -17.68 -22.92
C VAL A 691 -7.90 -16.21 -22.63
N LEU A 692 -7.39 -15.92 -21.43
CA LEU A 692 -7.27 -14.55 -20.99
C LEU A 692 -6.27 -13.65 -21.72
N VAL A 693 -5.09 -14.16 -22.10
CA VAL A 693 -4.12 -13.28 -22.78
C VAL A 693 -4.73 -12.77 -24.10
N LYS A 694 -5.36 -13.68 -24.83
CA LYS A 694 -5.99 -13.31 -26.09
C LYS A 694 -7.09 -12.28 -25.80
N LYS A 695 -7.91 -12.52 -24.79
CA LYS A 695 -8.96 -11.57 -24.43
C LYS A 695 -8.39 -10.19 -24.13
N TYR A 696 -7.32 -10.14 -23.33
CA TYR A 696 -6.73 -8.83 -23.03
C TYR A 696 -6.13 -8.19 -24.29
N ALA A 697 -5.58 -9.00 -25.19
CA ALA A 697 -5.00 -8.43 -26.40
C ALA A 697 -6.12 -7.80 -27.24
N SER A 698 -7.28 -8.44 -27.26
CA SER A 698 -8.45 -7.90 -28.00
C SER A 698 -8.95 -6.59 -27.41
N GLU A 699 -9.12 -6.58 -26.08
CA GLU A 699 -9.63 -5.44 -25.36
C GLU A 699 -8.66 -4.28 -25.32
N ARG A 700 -7.35 -4.54 -25.33
CA ARG A 700 -6.35 -3.49 -25.05
C ARG A 700 -5.56 -3.09 -26.31
N ASN A 701 -5.87 -3.75 -27.44
CA ASN A 701 -5.19 -3.51 -28.71
C ASN A 701 -3.71 -3.98 -28.69
N GLY A 702 -3.54 -5.27 -28.43
CA GLY A 702 -2.21 -5.83 -28.24
C GLY A 702 -1.79 -5.72 -26.78
N VAL A 703 -1.03 -6.72 -26.31
CA VAL A 703 -0.41 -6.64 -24.98
C VAL A 703 0.99 -7.20 -25.07
N ASN A 704 1.88 -6.61 -24.28
CA ASN A 704 3.14 -7.21 -24.00
C ASN A 704 3.04 -7.92 -22.65
N VAL A 705 3.54 -9.16 -22.57
CA VAL A 705 3.46 -9.98 -21.37
C VAL A 705 4.85 -10.35 -20.90
N ILE A 706 5.14 -10.06 -19.63
CA ILE A 706 6.33 -10.62 -19.01
C ILE A 706 5.86 -11.50 -17.86
N SER A 707 6.23 -12.79 -17.92
CA SER A 707 5.88 -13.74 -16.88
C SER A 707 7.11 -14.38 -16.27
N GLY A 708 6.95 -14.91 -15.06
CA GLY A 708 8.08 -15.65 -14.46
C GLY A 708 7.72 -16.24 -13.12
N PRO A 709 8.69 -16.93 -12.49
CA PRO A 709 8.52 -17.53 -11.20
C PRO A 709 8.89 -16.55 -10.09
N ILE A 710 8.32 -16.76 -8.91
CA ILE A 710 8.73 -16.02 -7.69
C ILE A 710 9.01 -17.01 -6.57
N PHE A 711 10.11 -16.80 -5.83
CA PHE A 711 10.36 -17.65 -4.65
C PHE A 711 10.36 -16.77 -3.40
N ASP A 712 9.37 -16.93 -2.53
CA ASP A 712 9.34 -16.18 -1.28
C ASP A 712 8.97 -17.14 -0.14
N TYR A 713 9.81 -18.15 0.08
CA TYR A 713 9.58 -19.08 1.18
C TYR A 713 9.53 -18.49 2.60
N ASN A 714 10.16 -17.34 2.85
CA ASN A 714 10.11 -16.77 4.20
C ASN A 714 9.12 -15.59 4.27
N TYR A 715 8.23 -15.50 3.28
CA TYR A 715 7.17 -14.47 3.15
C TYR A 715 7.54 -13.05 3.63
N ASP A 716 8.72 -12.58 3.22
CA ASP A 716 9.15 -11.21 3.57
C ASP A 716 8.92 -10.24 2.42
N GLY A 717 8.32 -10.74 1.33
CA GLY A 717 8.05 -9.92 0.13
C GLY A 717 9.29 -9.65 -0.69
N LEU A 718 10.38 -10.33 -0.40
CA LEU A 718 11.66 -10.09 -1.06
C LEU A 718 12.21 -11.38 -1.69
N ARG A 719 12.92 -11.24 -2.81
CA ARG A 719 13.45 -12.39 -3.52
C ARG A 719 14.26 -13.32 -2.59
N ASP A 720 14.01 -14.63 -2.59
CA ASP A 720 14.84 -15.60 -1.86
C ASP A 720 16.17 -15.89 -2.54
N THR A 721 17.23 -16.06 -1.74
CA THR A 721 18.47 -16.60 -2.28
C THR A 721 18.28 -18.15 -2.38
N GLU A 722 19.18 -18.85 -3.07
CA GLU A 722 19.04 -20.31 -3.27
C GLU A 722 18.94 -21.09 -1.97
N ASP A 723 19.69 -20.67 -0.96
CA ASP A 723 19.72 -21.41 0.30
C ASP A 723 18.46 -21.22 1.15
N GLU A 724 17.48 -20.50 0.62
CA GLU A 724 16.19 -20.27 1.29
C GLU A 724 15.02 -21.11 0.74
N ILE A 725 15.28 -21.85 -0.34
CA ILE A 725 14.25 -22.63 -1.03
C ILE A 725 13.90 -23.85 -0.20
N LYS A 726 12.63 -23.97 0.19
CA LYS A 726 12.22 -25.10 1.04
C LYS A 726 11.73 -26.31 0.27
N GLN A 727 11.54 -26.18 -1.04
CA GLN A 727 10.98 -27.29 -1.80
C GLN A 727 11.52 -27.39 -3.21
N TYR A 728 11.75 -28.63 -3.65
CA TYR A 728 12.37 -28.95 -4.94
C TYR A 728 11.55 -30.03 -5.62
N VAL A 729 11.60 -30.08 -6.94
CA VAL A 729 11.01 -31.20 -7.63
C VAL A 729 11.78 -32.45 -7.19
N GLU A 730 11.04 -33.43 -6.75
CA GLU A 730 11.59 -34.62 -6.12
C GLU A 730 12.81 -35.19 -6.82
N GLY A 731 13.90 -35.32 -6.06
CA GLY A 731 15.10 -35.96 -6.54
C GLY A 731 15.94 -35.09 -7.45
N SER A 732 15.72 -33.77 -7.42
CA SER A 732 16.40 -32.87 -8.36
C SER A 732 16.71 -31.59 -7.66
N SER A 733 17.44 -30.73 -8.35
CA SER A 733 17.74 -29.39 -7.85
C SER A 733 16.87 -28.32 -8.50
N ILE A 734 15.73 -28.73 -9.04
CA ILE A 734 14.74 -27.82 -9.63
C ILE A 734 13.88 -27.24 -8.48
N PRO A 735 14.07 -25.95 -8.14
CA PRO A 735 13.33 -25.33 -7.03
C PRO A 735 11.85 -25.01 -7.41
N VAL A 736 10.92 -25.14 -6.45
CA VAL A 736 9.50 -24.97 -6.73
C VAL A 736 9.18 -23.50 -6.41
N PRO A 737 8.65 -22.75 -7.39
CA PRO A 737 8.23 -21.38 -7.06
C PRO A 737 7.08 -21.33 -6.05
N THR A 738 7.01 -20.26 -5.25
CA THR A 738 5.85 -20.08 -4.34
C THR A 738 4.72 -19.35 -5.11
N HIS A 739 5.08 -18.60 -6.16
CA HIS A 739 4.16 -17.79 -6.94
C HIS A 739 4.59 -17.70 -8.41
N TYR A 740 3.64 -17.37 -9.29
CA TYR A 740 3.95 -17.00 -10.67
C TYR A 740 3.39 -15.63 -10.95
N TYR A 741 4.20 -14.76 -11.59
CA TYR A 741 3.76 -13.41 -11.90
C TYR A 741 3.49 -13.21 -13.38
N SER A 742 2.72 -12.18 -13.72
CA SER A 742 2.73 -11.67 -15.10
C SER A 742 2.49 -10.19 -15.07
N ILE A 743 3.19 -9.45 -15.95
CA ILE A 743 3.03 -8.02 -16.10
C ILE A 743 2.53 -7.77 -17.50
N ILE A 744 1.35 -7.14 -17.60
CA ILE A 744 0.69 -7.04 -18.91
C ILE A 744 0.60 -5.58 -19.30
N THR A 745 1.38 -5.17 -20.33
CA THR A 745 1.52 -3.75 -20.67
C THR A 745 0.89 -3.52 -22.05
N SER A 746 0.29 -2.34 -22.20
CA SER A 746 -0.22 -1.86 -23.50
C SER A 746 -0.16 -0.31 -23.52
N CYS A 747 -0.70 0.28 -24.59
CA CYS A 747 -0.75 1.74 -24.73
C CYS A 747 -1.93 2.29 -23.95
N LEU A 748 -1.72 3.38 -23.21
CA LEU A 748 -2.81 4.01 -22.46
C LEU A 748 -3.81 4.53 -23.50
N ASP A 749 -3.30 5.04 -24.61
CA ASP A 749 -4.17 5.33 -25.77
C ASP A 749 -4.39 4.06 -26.59
N PHE A 750 -5.48 3.36 -26.29
CA PHE A 750 -5.76 2.05 -26.89
C PHE A 750 -6.10 2.08 -28.38
N THR A 751 -6.08 3.27 -28.98
CA THR A 751 -6.15 3.39 -30.44
C THR A 751 -4.80 3.04 -31.07
N GLN A 752 -3.72 3.12 -30.30
CA GLN A 752 -2.43 2.65 -30.80
C GLN A 752 -2.13 1.23 -30.31
N PRO A 753 -1.59 0.37 -31.21
CA PRO A 753 -1.30 -0.98 -30.77
C PRO A 753 -0.15 -1.00 -29.77
N ALA A 754 -0.07 -2.05 -28.95
CA ALA A 754 0.94 -2.14 -27.90
C ALA A 754 2.37 -1.93 -28.44
N ASP A 755 2.66 -2.54 -29.59
CA ASP A 755 4.02 -2.48 -30.19
C ASP A 755 4.35 -1.18 -30.94
N LYS A 756 3.39 -0.27 -31.09
CA LYS A 756 3.63 1.01 -31.75
C LYS A 756 2.99 2.16 -30.97
N CYS A 757 3.42 2.37 -29.73
CA CYS A 757 2.74 3.26 -28.79
C CYS A 757 3.59 4.50 -28.59
N ASP A 758 3.04 5.70 -28.80
CA ASP A 758 3.90 6.88 -28.75
C ASP A 758 3.91 7.60 -27.41
N GLY A 759 3.05 7.20 -26.48
CA GLY A 759 2.85 7.97 -25.25
C GLY A 759 2.85 7.12 -23.99
N PRO A 760 2.07 7.52 -22.98
CA PRO A 760 2.01 6.78 -21.73
C PRO A 760 1.56 5.33 -21.89
N LEU A 761 2.00 4.49 -20.93
CA LEU A 761 1.65 3.07 -20.89
C LEU A 761 0.50 2.82 -19.94
N SER A 762 -0.08 1.63 -20.05
CA SER A 762 -1.11 1.13 -19.16
C SER A 762 -0.67 -0.30 -18.73
N VAL A 763 -0.78 -0.59 -17.45
CA VAL A 763 -0.31 -1.91 -16.95
C VAL A 763 -1.32 -2.53 -16.00
N SER A 764 -1.42 -3.86 -16.04
CA SER A 764 -1.98 -4.64 -14.94
C SER A 764 -1.07 -5.87 -14.68
N SER A 765 -0.99 -6.31 -13.42
CA SER A 765 -0.07 -7.37 -13.05
C SER A 765 -0.72 -8.23 -12.03
N PHE A 766 -0.20 -9.42 -11.86
CA PHE A 766 -0.63 -10.27 -10.75
C PHE A 766 0.51 -11.15 -10.25
N ILE A 767 0.32 -11.67 -9.04
CA ILE A 767 1.25 -12.61 -8.41
C ILE A 767 0.36 -13.76 -7.91
N LEU A 768 0.22 -14.83 -8.68
CA LEU A 768 -0.67 -15.92 -8.35
C LEU A 768 0.07 -16.86 -7.42
N PRO A 769 -0.55 -17.26 -6.31
CA PRO A 769 0.10 -18.25 -5.47
C PRO A 769 0.16 -19.60 -6.19
N HIS A 770 1.32 -20.25 -6.09
CA HIS A 770 1.52 -21.57 -6.71
C HIS A 770 1.08 -22.66 -5.71
N ARG A 771 -0.20 -23.00 -5.69
CA ARG A 771 -0.71 -23.91 -4.66
C ARG A 771 -1.12 -25.30 -5.23
N PRO A 772 -0.94 -26.37 -4.44
CA PRO A 772 -1.24 -27.71 -4.89
C PRO A 772 -2.72 -28.03 -4.85
N ASP A 773 -3.56 -27.12 -4.36
CA ASP A 773 -5.01 -27.29 -4.40
C ASP A 773 -5.63 -25.94 -4.75
N ASN A 774 -6.90 -25.95 -5.12
CA ASN A 774 -7.63 -24.74 -5.33
C ASN A 774 -8.63 -24.48 -4.21
N ASP A 775 -8.26 -24.79 -2.97
CA ASP A 775 -9.18 -24.58 -1.83
C ASP A 775 -9.63 -23.12 -1.67
N GLU A 776 -8.71 -22.20 -1.96
CA GLU A 776 -9.02 -20.77 -1.95
C GLU A 776 -10.24 -20.41 -2.79
N SER A 777 -10.45 -21.09 -3.90
CA SER A 777 -11.62 -20.79 -4.73
C SER A 777 -12.75 -21.83 -4.49
N CYS A 778 -13.80 -21.41 -3.78
CA CYS A 778 -14.93 -22.29 -3.41
C CYS A 778 -15.67 -22.85 -4.62
N ASN A 779 -15.58 -22.16 -5.75
CA ASN A 779 -16.14 -22.60 -7.01
C ASN A 779 -15.24 -23.39 -7.94
N SER A 780 -14.09 -23.87 -7.46
CA SER A 780 -13.11 -24.47 -8.37
C SER A 780 -13.49 -25.77 -9.08
N SER A 781 -14.47 -26.51 -8.57
CA SER A 781 -14.89 -27.70 -9.31
C SER A 781 -15.70 -27.31 -10.56
N GLU A 782 -16.01 -26.03 -10.73
CA GLU A 782 -16.71 -25.60 -11.93
C GLU A 782 -15.74 -25.25 -13.07
N ASP A 783 -16.29 -24.87 -14.23
CA ASP A 783 -15.44 -24.50 -15.34
C ASP A 783 -14.57 -23.32 -14.95
N GLU A 784 -13.29 -23.39 -15.32
CA GLU A 784 -12.33 -22.28 -15.11
C GLU A 784 -12.90 -20.88 -15.47
N SER A 785 -13.83 -20.82 -16.43
CA SER A 785 -14.45 -19.53 -16.79
C SER A 785 -15.36 -18.95 -15.67
N LYS A 786 -15.57 -19.72 -14.61
CA LYS A 786 -16.41 -19.28 -13.49
C LYS A 786 -15.61 -18.84 -12.26
N TRP A 787 -14.31 -19.10 -12.24
CA TRP A 787 -13.55 -18.82 -11.04
C TRP A 787 -12.13 -18.31 -11.23
N VAL A 788 -11.53 -18.56 -12.40
CA VAL A 788 -10.11 -18.28 -12.53
C VAL A 788 -9.82 -16.77 -12.56
N GLU A 789 -10.56 -16.04 -13.37
CA GLU A 789 -10.34 -14.61 -13.47
C GLU A 789 -10.56 -13.92 -12.10
N GLU A 790 -11.58 -14.35 -11.37
CA GLU A 790 -11.85 -13.85 -10.02
C GLU A 790 -10.61 -14.05 -9.09
N LEU A 791 -10.00 -15.22 -9.15
CA LEU A 791 -8.78 -15.48 -8.40
C LEU A 791 -7.62 -14.53 -8.80
N MET A 792 -7.40 -14.36 -10.09
CA MET A 792 -6.35 -13.47 -10.56
C MET A 792 -6.58 -12.05 -10.09
N LYS A 793 -7.83 -11.60 -10.16
CA LYS A 793 -8.20 -10.26 -9.68
C LYS A 793 -7.85 -10.06 -8.21
N MET A 794 -8.12 -11.08 -7.38
CA MET A 794 -7.80 -11.05 -5.97
C MET A 794 -6.29 -10.90 -5.76
N HIS A 795 -5.50 -11.47 -6.67
CA HIS A 795 -4.03 -11.44 -6.57
C HIS A 795 -3.37 -10.42 -7.54
N THR A 796 -4.14 -9.39 -7.85
CA THR A 796 -3.63 -8.25 -8.60
C THR A 796 -2.43 -7.67 -7.84
N ALA A 797 -1.46 -7.10 -8.56
CA ALA A 797 -0.22 -6.59 -7.93
C ALA A 797 0.32 -5.36 -8.63
N ARG A 798 1.20 -4.63 -7.94
CA ARG A 798 2.00 -3.55 -8.58
C ARG A 798 3.25 -4.14 -9.21
N VAL A 799 3.72 -3.54 -10.29
CA VAL A 799 5.02 -3.97 -10.83
C VAL A 799 6.10 -3.92 -9.72
N ARG A 800 6.05 -2.88 -8.88
CA ARG A 800 7.00 -2.72 -7.79
C ARG A 800 7.01 -3.93 -6.82
N ASP A 801 5.84 -4.56 -6.63
CA ASP A 801 5.74 -5.73 -5.71
C ASP A 801 6.55 -6.85 -6.36
N ILE A 802 6.43 -6.96 -7.68
CA ILE A 802 7.11 -8.03 -8.41
C ILE A 802 8.62 -7.76 -8.43
N GLU A 803 9.00 -6.49 -8.56
CA GLU A 803 10.41 -6.08 -8.43
C GLU A 803 11.08 -6.54 -7.13
N HIS A 804 10.43 -6.28 -6.00
CA HIS A 804 10.93 -6.69 -4.70
C HIS A 804 11.11 -8.21 -4.69
N LEU A 805 10.13 -8.92 -5.23
CA LEU A 805 10.05 -10.39 -5.19
C LEU A 805 11.04 -11.08 -6.10
N THR A 806 11.55 -10.37 -7.11
CA THR A 806 12.44 -10.99 -8.12
C THR A 806 13.85 -10.38 -8.24
N GLY A 807 14.09 -9.21 -7.66
CA GLY A 807 15.36 -8.47 -7.84
C GLY A 807 15.56 -8.00 -9.27
N LEU A 808 14.45 -7.85 -9.99
CA LEU A 808 14.48 -7.35 -11.39
C LEU A 808 14.01 -5.91 -11.44
N ASP A 809 14.38 -5.20 -12.47
CA ASP A 809 13.95 -3.82 -12.59
C ASP A 809 13.48 -3.68 -14.02
N PHE A 810 12.18 -3.39 -14.18
CA PHE A 810 11.49 -3.39 -15.48
C PHE A 810 11.41 -1.98 -16.07
N TYR A 811 10.92 -1.90 -17.31
CA TYR A 811 10.76 -0.64 -18.04
C TYR A 811 12.03 0.21 -18.16
N ARG A 812 13.17 -0.44 -18.44
CA ARG A 812 14.48 0.25 -18.47
C ARG A 812 14.67 1.12 -19.73
N LYS A 813 13.98 0.79 -20.81
CA LYS A 813 14.15 1.52 -22.09
C LYS A 813 12.79 1.92 -22.63
N THR A 814 12.31 3.09 -22.24
CA THR A 814 11.03 3.56 -22.79
C THR A 814 11.30 4.96 -23.26
N SER A 815 10.33 5.58 -23.90
CA SER A 815 10.50 6.98 -24.23
C SER A 815 9.97 7.89 -23.11
N ARG A 816 9.52 7.32 -21.98
CA ARG A 816 8.88 8.10 -20.91
C ARG A 816 9.84 8.61 -19.84
N SER A 817 9.46 9.66 -19.09
CA SER A 817 10.33 10.16 -18.02
C SER A 817 10.37 9.12 -16.86
N TYR A 818 11.44 9.11 -16.07
CA TYR A 818 11.62 8.08 -15.08
C TYR A 818 10.57 8.19 -13.99
N SER A 819 10.23 9.43 -13.61
CA SER A 819 9.22 9.67 -12.61
C SER A 819 7.91 9.10 -13.05
N GLU A 820 7.61 9.24 -14.33
CA GLU A 820 6.37 8.67 -14.86
C GLU A 820 6.35 7.15 -14.79
N ILE A 821 7.51 6.55 -15.07
CA ILE A 821 7.66 5.08 -15.04
C ILE A 821 7.53 4.64 -13.58
N LEU A 822 8.09 5.40 -12.65
CA LEU A 822 7.93 5.05 -11.22
C LEU A 822 6.45 5.03 -10.79
N THR A 823 5.68 6.04 -11.22
CA THR A 823 4.24 6.09 -11.01
C THR A 823 3.55 4.86 -11.62
N LEU A 824 3.90 4.51 -12.84
CA LEU A 824 3.37 3.29 -13.47
C LEU A 824 3.69 2.00 -12.67
N LYS A 825 4.93 1.92 -12.15
CA LYS A 825 5.34 0.75 -11.39
C LYS A 825 4.60 0.64 -10.04
N THR A 826 4.12 1.76 -9.49
CA THR A 826 3.30 1.70 -8.25
C THR A 826 1.80 1.51 -8.47
N TYR A 827 1.36 1.63 -9.73
CA TYR A 827 -0.04 1.36 -10.09
C TYR A 827 -0.58 -0.02 -9.67
N LEU A 828 -1.78 -0.03 -9.08
CA LEU A 828 -2.48 -1.30 -8.76
C LEU A 828 -3.80 -1.28 -9.50
N HIS A 829 -4.07 -2.28 -10.33
CA HIS A 829 -5.37 -2.38 -10.98
C HIS A 829 -6.30 -3.08 -9.98
N THR A 830 -7.32 -2.41 -9.46
CA THR A 830 -8.04 -2.99 -8.30
C THR A 830 -9.34 -3.76 -8.59
N TYR A 831 -9.89 -3.57 -9.78
CA TYR A 831 -11.14 -4.24 -10.21
C TYR A 831 -12.40 -3.87 -9.39
N GLU A 832 -12.35 -2.79 -8.62
CA GLU A 832 -13.53 -2.28 -7.94
C GLU A 832 -14.29 -1.48 -9.00
N SER A 833 -15.58 -1.22 -8.81
CA SER A 833 -16.25 -0.26 -9.71
C SER A 833 -16.00 1.21 -9.26
N GLU A 834 -16.69 2.15 -9.88
CA GLU A 834 -16.43 3.57 -9.62
C GLU A 834 -17.09 4.06 -8.32
C1 NAG B . 9.85 -2.14 3.54
C2 NAG B . 10.50 -3.37 2.91
C3 NAG B . 11.38 -4.03 3.99
C4 NAG B . 12.37 -3.07 4.64
C5 NAG B . 11.68 -1.75 5.03
C6 NAG B . 12.68 -0.71 5.52
C7 NAG B . 9.38 -4.65 1.11
C8 NAG B . 8.30 -5.65 0.72
N2 NAG B . 9.50 -4.32 2.40
O3 NAG B . 12.09 -5.14 3.47
O4 NAG B . 12.76 -3.66 5.87
O5 NAG B . 10.93 -1.27 3.94
O6 NAG B . 13.63 -0.47 4.48
O7 NAG B . 10.13 -4.18 0.24
C1 NAG B . 14.17 -3.77 6.05
C2 NAG B . 14.39 -3.85 7.58
C3 NAG B . 15.87 -4.08 7.83
C4 NAG B . 16.39 -5.33 7.10
C5 NAG B . 16.01 -5.34 5.60
C6 NAG B . 16.22 -6.74 5.00
C7 NAG B . 12.73 -2.42 8.79
C8 NAG B . 12.46 -1.06 9.42
N2 NAG B . 13.94 -2.63 8.24
O3 NAG B . 16.02 -4.15 9.22
O4 NAG B . 17.80 -5.50 7.20
O5 NAG B . 14.65 -4.92 5.40
O6 NAG B . 15.25 -7.69 5.45
O7 NAG B . 11.82 -3.27 8.79
C1 BMA B . 18.14 -6.39 8.31
C2 BMA B . 19.39 -7.22 7.95
C3 BMA B . 19.99 -7.96 9.17
C4 BMA B . 20.17 -6.98 10.34
C5 BMA B . 18.86 -6.26 10.67
C6 BMA B . 19.07 -5.16 11.71
O2 BMA B . 20.31 -6.34 7.33
O3 BMA B . 21.25 -8.57 8.86
O4 BMA B . 20.57 -7.66 11.49
O5 BMA B . 18.29 -5.65 9.52
O6 BMA B . 17.77 -4.75 12.07
C1 MAN B . 17.68 -3.74 13.10
C2 MAN B . 16.24 -3.76 13.68
C3 MAN B . 15.24 -3.04 12.76
C4 MAN B . 15.77 -1.63 12.45
C5 MAN B . 17.18 -1.70 11.83
C6 MAN B . 17.76 -0.33 11.42
O2 MAN B . 16.21 -3.24 14.99
O3 MAN B . 13.92 -2.96 13.28
O4 MAN B . 14.86 -0.93 11.60
O5 MAN B . 18.06 -2.42 12.70
O6 MAN B . 17.75 0.62 12.47
C1 MAN B . 13.17 -4.19 13.18
C2 MAN B . 11.70 -3.90 12.80
C3 MAN B . 11.03 -3.10 13.94
C4 MAN B . 11.25 -3.76 15.32
C5 MAN B . 12.65 -4.36 15.53
C6 MAN B . 12.63 -5.34 16.71
O2 MAN B . 11.00 -5.12 12.60
O3 MAN B . 9.64 -2.93 13.73
O4 MAN B . 10.96 -2.79 16.30
O5 MAN B . 13.19 -4.99 14.37
O6 MAN B . 12.97 -6.65 16.27
C1 MAN B . 10.81 -5.55 11.23
C2 MAN B . 9.76 -6.66 11.25
C3 MAN B . 10.39 -7.98 11.68
C4 MAN B . 11.70 -8.32 10.94
C5 MAN B . 12.67 -7.13 10.99
C6 MAN B . 13.98 -7.42 10.20
O2 MAN B . 9.11 -6.83 10.00
O3 MAN B . 9.45 -9.01 11.47
O4 MAN B . 12.28 -9.48 11.50
O5 MAN B . 12.02 -5.95 10.54
O6 MAN B . 15.01 -6.50 10.54
C1 MAN B . 21.23 -10.02 8.66
C2 MAN B . 22.54 -10.66 9.17
C3 MAN B . 23.75 -10.50 8.22
C4 MAN B . 23.36 -10.80 6.76
C5 MAN B . 22.09 -10.00 6.45
C6 MAN B . 21.75 -9.93 4.94
O2 MAN B . 22.38 -12.05 9.36
O3 MAN B . 24.77 -11.40 8.58
O4 MAN B . 24.41 -10.43 5.90
O5 MAN B . 21.00 -10.44 7.30
O6 MAN B . 22.52 -8.90 4.37
C1 MAN B . 22.48 -12.38 10.76
C2 MAN B . 23.18 -13.73 10.96
C3 MAN B . 22.27 -14.86 10.42
C4 MAN B . 20.83 -14.75 10.97
C5 MAN B . 20.27 -13.33 10.86
C6 MAN B . 18.92 -13.13 11.55
O2 MAN B . 23.52 -13.86 12.34
O3 MAN B . 22.76 -16.19 10.60
O4 MAN B . 20.01 -15.66 10.27
O5 MAN B . 21.20 -12.38 11.40
O6 MAN B . 19.07 -13.19 12.96
CA CA C . -9.09 5.55 12.19
C10 YBF D . 0.16 10.97 15.10
C11 YBF D . -0.10 11.23 13.64
C13 YBF D . 0.30 10.65 11.29
C15 YBF D . -1.07 12.64 11.91
C16 YBF D . -0.87 12.37 13.27
C17 YBF D . -6.16 8.02 17.76
C18 YBF D . -4.92 8.10 17.09
C19 YBF D . -3.98 9.13 17.44
C20 YBF D . -4.35 10.04 18.48
C21 YBF D . -5.56 9.97 19.13
C22 YBF D . -6.46 8.97 18.76
C23 YBF D . -7.76 9.09 19.48
C1 YBF D . -0.89 5.96 15.89
C2 YBF D . 0.23 6.62 15.23
N3 YBF D . 0.32 7.98 15.07
C4 YBF D . -1.94 6.73 16.41
C5 YBF D . -1.87 8.13 16.30
C6 YBF D . -0.72 8.70 15.63
N7 YBF D . -0.83 10.08 15.65
C8 YBF D . -2.03 10.43 16.31
C9 YBF D . -2.69 9.24 16.72
C12 YBF D . 0.46 10.38 12.69
C14 YBF D . -0.47 11.77 10.90
N24 YBF D . -8.44 7.94 19.88
O25 YBF D . -8.24 10.24 19.68
N26 YBF D . -3.50 11.18 18.96
O27 YBF D . -3.80 12.33 18.68
O28 YBF D . -2.55 10.89 19.63
C29 YBF D . -9.69 8.05 20.62
C30 YBF D . -10.89 8.46 19.95
C31 YBF D . -12.09 8.42 22.14
C32 YBF D . -10.90 8.00 22.82
C33 YBF D . -12.08 8.64 20.71
C34 YBF D . -9.69 7.80 22.06
C ACT E . -14.13 -7.75 0.16
O ACT E . -13.67 -7.70 -1.02
OXT ACT E . -15.37 -7.66 0.40
CH3 ACT E . -13.16 -7.93 1.31
CL CL F . -6.88 -5.28 14.73
ZN ZN G . -12.86 3.61 13.68
NA NA H . -12.02 -25.18 -4.37
CA CA I . 11.96 -13.91 0.65
NA NA J . 4.67 -35.62 -11.89
#